data_6HK2
#
_entry.id   6HK2
#
_cell.length_a   54.807
_cell.length_b   62.863
_cell.length_c   153.594
_cell.angle_alpha   90.00
_cell.angle_beta   90.00
_cell.angle_gamma   90.00
#
_symmetry.space_group_name_H-M   'P 21 21 21'
#
loop_
_entity.id
_entity.type
_entity.pdbx_description
1 polymer 'Hemoglobin subunit alpha'
2 polymer 'Hemoglobin subunit beta'
3 non-polymer 'PROTOPORPHYRIN IX CONTAINING FE'
4 non-polymer 'OXYGEN MOLECULE'
5 non-polymer 'SULFATE ION'
6 non-polymer 3-[2,5-bis(oxidanylidene)pyrrolidin-1-yl]-~{N}-methyl-propanamide
7 water water
#
loop_
_entity_poly.entity_id
_entity_poly.type
_entity_poly.pdbx_seq_one_letter_code
_entity_poly.pdbx_strand_id
1 'polypeptide(L)'
;VLSPADKTNVKAAWGKVGAHAGEYGAEALERMFLSFPTTKTYFPHFDLSHGSAQVKGHGKKVADALTNAVAHVDDMPNAL
SALSDLHAHKLRVDPVNFKLLSHCLLVTLAAHLPAEFTPAVHASLDKFLASVSTVLTSKYR
;
A,C
2 'polypeptide(L)'
;VHLTPEEKSAVTALWGKVNVDEVGGEALGRLLVVYPWTQRFFESFGDLSTPDAVMGNPKVKAHGKKVLGAFSDGLAHLDN
LKGTFATLSELHCDKLHVDPENFRLLGNVLVCVLAHHFGKEFTPPVQAAYQKVVAGVANALAHKYH
;
B,D
#
loop_
_chem_comp.id
_chem_comp.type
_chem_comp.name
_chem_comp.formula
G7Z non-polymer 3-[2,5-bis(oxidanylidene)pyrrolidin-1-yl]-~{N}-methyl-propanamide 'C8 H12 N2 O3'
HEM non-polymer 'PROTOPORPHYRIN IX CONTAINING FE' 'C34 H32 Fe N4 O4'
OXY non-polymer 'OXYGEN MOLECULE' O2
SO4 non-polymer 'SULFATE ION' 'O4 S -2'
#
# COMPACT_ATOMS: atom_id res chain seq x y z
N VAL A 1 -1.82 19.08 -2.11
CA VAL A 1 -2.02 20.31 -2.97
C VAL A 1 -1.14 20.17 -4.23
N LEU A 2 -1.78 19.89 -5.37
CA LEU A 2 -1.05 19.55 -6.62
C LEU A 2 -0.09 20.69 -6.95
N SER A 3 0.98 20.40 -7.66
CA SER A 3 1.88 21.43 -8.23
C SER A 3 1.13 22.22 -9.29
N PRO A 4 1.58 23.45 -9.64
CA PRO A 4 1.07 24.11 -10.84
C PRO A 4 1.04 23.22 -12.09
N ALA A 5 2.10 22.44 -12.34
CA ALA A 5 2.20 21.64 -13.57
C ALA A 5 1.07 20.61 -13.52
N ASP A 6 0.88 20.00 -12.36
CA ASP A 6 -0.13 18.93 -12.23
C ASP A 6 -1.52 19.51 -12.44
N LYS A 7 -1.74 20.63 -11.75
CA LYS A 7 -3.11 21.33 -11.98
CA LYS A 7 -3.02 21.36 -11.97
C LYS A 7 -3.43 21.67 -13.46
N THR A 8 -2.38 22.16 -14.15
CA THR A 8 -2.58 22.48 -15.58
C THR A 8 -2.80 21.21 -16.40
N ASN A 9 -2.07 20.15 -16.10
CA ASN A 9 -2.20 18.88 -16.84
C ASN A 9 -3.57 18.25 -16.58
N VAL A 10 -4.03 18.25 -15.35
CA VAL A 10 -5.35 17.66 -15.01
C VAL A 10 -6.46 18.46 -15.70
N LYS A 11 -6.43 19.79 -15.62
CA LYS A 11 -7.48 20.60 -16.26
C LYS A 11 -7.51 20.31 -17.77
N ALA A 12 -6.34 20.22 -18.42
CA ALA A 12 -6.28 19.94 -19.89
C ALA A 12 -6.93 18.60 -20.16
N ALA A 13 -6.54 17.58 -19.41
CA ALA A 13 -7.08 16.22 -19.62
C ALA A 13 -8.57 16.22 -19.38
N TRP A 14 -9.02 16.81 -18.27
CA TRP A 14 -10.46 16.77 -17.91
C TRP A 14 -11.27 17.56 -18.94
N GLY A 15 -10.69 18.62 -19.55
CA GLY A 15 -11.39 19.34 -20.60
C GLY A 15 -11.67 18.44 -21.80
N LYS A 16 -10.73 17.57 -22.16
CA LYS A 16 -10.87 16.61 -23.29
CA LYS A 16 -10.95 16.69 -23.33
C LYS A 16 -11.92 15.57 -22.93
N VAL A 17 -11.93 15.15 -21.68
CA VAL A 17 -12.98 14.17 -21.23
C VAL A 17 -14.34 14.82 -21.42
N GLY A 18 -14.44 16.07 -21.01
CA GLY A 18 -15.62 16.87 -21.22
C GLY A 18 -16.89 16.13 -20.82
N ALA A 19 -17.89 16.12 -21.69
CA ALA A 19 -19.26 15.64 -21.37
C ALA A 19 -19.26 14.13 -21.17
N HIS A 20 -18.16 13.47 -21.48
CA HIS A 20 -18.04 11.99 -21.34
C HIS A 20 -17.66 11.56 -19.92
N ALA A 21 -17.45 12.46 -18.95
CA ALA A 21 -16.95 12.10 -17.61
C ALA A 21 -17.85 11.03 -16.96
N GLY A 22 -19.17 11.20 -16.97
CA GLY A 22 -20.05 10.19 -16.34
C GLY A 22 -19.89 8.83 -16.99
N GLU A 23 -19.84 8.80 -18.33
N GLU A 23 -19.80 8.77 -18.31
CA GLU A 23 -19.63 7.55 -19.12
CA GLU A 23 -19.67 7.45 -19.02
C GLU A 23 -18.38 6.88 -18.56
C GLU A 23 -18.33 6.82 -18.61
N TYR A 24 -17.28 7.61 -18.50
CA TYR A 24 -15.96 7.07 -18.08
C TYR A 24 -16.01 6.64 -16.62
N GLY A 25 -16.76 7.32 -15.77
CA GLY A 25 -16.89 6.91 -14.34
C GLY A 25 -17.59 5.56 -14.26
N ALA A 26 -18.67 5.35 -15.01
CA ALA A 26 -19.36 4.05 -15.10
C ALA A 26 -18.40 2.97 -15.62
N GLU A 27 -17.69 3.25 -16.68
CA GLU A 27 -16.74 2.25 -17.23
C GLU A 27 -15.66 1.93 -16.18
N ALA A 28 -15.18 2.91 -15.46
CA ALA A 28 -14.11 2.69 -14.46
C ALA A 28 -14.69 1.77 -13.36
N LEU A 29 -15.93 1.99 -12.95
CA LEU A 29 -16.60 1.16 -11.90
C LEU A 29 -16.70 -0.25 -12.45
N GLU A 30 -17.17 -0.38 -13.68
CA GLU A 30 -17.36 -1.71 -14.30
C GLU A 30 -16.03 -2.44 -14.30
N ARG A 31 -14.96 -1.73 -14.68
CA ARG A 31 -13.60 -2.30 -14.76
C ARG A 31 -13.17 -2.74 -13.37
N MET A 32 -13.43 -1.95 -12.33
CA MET A 32 -13.05 -2.29 -10.93
C MET A 32 -13.79 -3.56 -10.49
N PHE A 33 -15.10 -3.59 -10.71
CA PHE A 33 -15.90 -4.73 -10.24
C PHE A 33 -15.40 -6.04 -10.88
N LEU A 34 -15.14 -5.97 -12.16
CA LEU A 34 -14.58 -7.21 -12.87
CA LEU A 34 -14.56 -7.13 -12.91
C LEU A 34 -13.11 -7.62 -12.55
N SER A 35 -12.26 -6.59 -12.42
CA SER A 35 -10.82 -6.86 -12.18
C SER A 35 -10.57 -7.16 -10.71
N PHE A 36 -11.36 -6.57 -9.82
CA PHE A 36 -11.16 -6.64 -8.35
C PHE A 36 -12.49 -6.94 -7.68
N PRO A 37 -12.96 -8.19 -7.80
CA PRO A 37 -14.29 -8.57 -7.30
C PRO A 37 -14.58 -8.32 -5.80
N THR A 38 -13.56 -8.23 -4.95
CA THR A 38 -13.77 -7.84 -3.52
C THR A 38 -14.53 -6.52 -3.43
N THR A 39 -14.39 -5.61 -4.42
CA THR A 39 -15.02 -4.28 -4.39
C THR A 39 -16.53 -4.36 -4.52
N LYS A 40 -17.06 -5.46 -5.05
CA LYS A 40 -18.52 -5.59 -5.28
C LYS A 40 -19.30 -5.63 -3.99
N THR A 41 -18.68 -6.07 -2.87
CA THR A 41 -19.38 -6.20 -1.57
C THR A 41 -19.73 -4.83 -0.98
N TYR A 42 -19.23 -3.72 -1.55
CA TYR A 42 -19.60 -2.37 -1.08
CA TYR A 42 -19.61 -2.37 -1.08
C TYR A 42 -20.91 -1.92 -1.76
N PHE A 43 -21.34 -2.69 -2.74
CA PHE A 43 -22.59 -2.42 -3.51
C PHE A 43 -23.47 -3.65 -3.49
N PRO A 44 -23.81 -4.17 -2.29
CA PRO A 44 -24.45 -5.49 -2.17
C PRO A 44 -25.82 -5.58 -2.84
N HIS A 45 -26.60 -4.51 -2.91
N HIS A 45 -26.54 -4.45 -2.87
CA HIS A 45 -27.98 -4.59 -3.47
CA HIS A 45 -27.97 -4.33 -3.28
C HIS A 45 -28.05 -3.61 -4.65
C HIS A 45 -28.07 -3.78 -4.71
N PHE A 46 -26.94 -3.50 -5.36
CA PHE A 46 -26.88 -2.87 -6.71
C PHE A 46 -26.95 -3.91 -7.82
N ASP A 47 -27.52 -3.49 -8.95
CA ASP A 47 -27.38 -4.19 -10.24
C ASP A 47 -26.01 -3.88 -10.82
N LEU A 48 -25.10 -4.86 -10.77
CA LEU A 48 -23.70 -4.70 -11.23
C LEU A 48 -23.51 -5.36 -12.60
N SER A 49 -24.58 -5.70 -13.31
CA SER A 49 -24.54 -6.27 -14.68
C SER A 49 -23.88 -5.26 -15.63
N HIS A 50 -23.22 -5.77 -16.67
CA HIS A 50 -22.64 -4.94 -17.75
C HIS A 50 -23.71 -3.98 -18.27
N GLY A 51 -23.40 -2.69 -18.32
CA GLY A 51 -24.27 -1.63 -18.84
C GLY A 51 -25.47 -1.35 -17.94
N SER A 52 -25.41 -1.82 -16.70
CA SER A 52 -26.38 -1.51 -15.60
C SER A 52 -26.76 -0.02 -15.64
N ALA A 53 -28.06 0.31 -15.71
CA ALA A 53 -28.48 1.71 -15.55
C ALA A 53 -28.07 2.22 -14.17
N GLN A 54 -28.05 1.36 -13.16
CA GLN A 54 -27.65 1.74 -11.80
C GLN A 54 -26.19 2.13 -11.73
N VAL A 55 -25.32 1.36 -12.38
CA VAL A 55 -23.87 1.68 -12.38
C VAL A 55 -23.66 2.98 -13.15
N LYS A 56 -24.45 3.21 -14.18
CA LYS A 56 -24.41 4.54 -14.89
C LYS A 56 -24.75 5.68 -13.94
N GLY A 57 -25.83 5.55 -13.19
CA GLY A 57 -26.21 6.53 -12.16
C GLY A 57 -25.04 6.76 -11.21
N HIS A 58 -24.37 5.70 -10.79
CA HIS A 58 -23.34 5.90 -9.75
C HIS A 58 -22.10 6.54 -10.37
N GLY A 59 -21.76 6.09 -11.58
CA GLY A 59 -20.64 6.59 -12.38
C GLY A 59 -20.77 8.09 -12.57
N LYS A 60 -21.98 8.56 -12.75
CA LYS A 60 -22.30 10.02 -12.82
CA LYS A 60 -22.25 10.02 -12.85
C LYS A 60 -21.91 10.69 -11.52
N LYS A 61 -22.34 10.15 -10.39
CA LYS A 61 -22.02 10.74 -9.06
C LYS A 61 -20.50 10.81 -8.89
N VAL A 62 -19.78 9.73 -9.19
CA VAL A 62 -18.31 9.74 -9.01
C VAL A 62 -17.69 10.76 -9.97
N ALA A 63 -18.06 10.71 -11.25
CA ALA A 63 -17.50 11.63 -12.27
C ALA A 63 -17.81 13.07 -11.86
N ASP A 64 -19.01 13.37 -11.36
CA ASP A 64 -19.36 14.77 -10.98
C ASP A 64 -18.48 15.26 -9.82
N ALA A 65 -18.21 14.40 -8.84
CA ALA A 65 -17.36 14.76 -7.71
C ALA A 65 -15.95 15.03 -8.24
N LEU A 66 -15.47 14.23 -9.16
CA LEU A 66 -14.11 14.46 -9.75
C LEU A 66 -14.09 15.76 -10.56
N THR A 67 -15.14 16.02 -11.33
CA THR A 67 -15.19 17.29 -12.12
C THR A 67 -15.19 18.48 -11.16
N ASN A 68 -15.96 18.41 -10.08
CA ASN A 68 -15.98 19.48 -9.05
C ASN A 68 -14.58 19.65 -8.42
N ALA A 69 -13.89 18.55 -8.15
CA ALA A 69 -12.55 18.60 -7.55
C ALA A 69 -11.54 19.20 -8.53
N VAL A 70 -11.69 18.94 -9.83
CA VAL A 70 -10.82 19.60 -10.83
C VAL A 70 -11.02 21.10 -10.81
N ALA A 71 -12.26 21.57 -10.66
CA ALA A 71 -12.57 23.02 -10.60
C ALA A 71 -12.10 23.64 -9.27
N HIS A 72 -11.84 22.85 -8.25
CA HIS A 72 -11.49 23.31 -6.89
C HIS A 72 -10.18 22.68 -6.46
N VAL A 73 -9.22 22.50 -7.37
CA VAL A 73 -7.95 21.78 -7.07
C VAL A 73 -7.20 22.43 -5.89
N ASP A 74 -7.26 23.74 -5.70
CA ASP A 74 -6.46 24.41 -4.62
C ASP A 74 -7.24 24.39 -3.29
N ASP A 75 -8.40 23.73 -3.25
CA ASP A 75 -9.25 23.65 -2.04
CA ASP A 75 -9.22 23.62 -2.02
C ASP A 75 -10.09 22.36 -2.10
N MET A 76 -9.46 21.22 -2.42
CA MET A 76 -10.16 19.93 -2.59
C MET A 76 -10.66 19.41 -1.24
N PRO A 77 -9.91 19.53 -0.11
CA PRO A 77 -10.42 19.08 1.21
C PRO A 77 -11.79 19.68 1.52
N ASN A 78 -11.97 20.96 1.23
CA ASN A 78 -13.25 21.67 1.44
C ASN A 78 -14.34 21.15 0.48
N ALA A 79 -14.04 21.01 -0.82
CA ALA A 79 -15.00 20.65 -1.89
C ALA A 79 -15.49 19.20 -1.77
N LEU A 80 -14.70 18.29 -1.22
CA LEU A 80 -15.05 16.85 -1.09
C LEU A 80 -15.45 16.51 0.36
N SER A 81 -15.30 17.46 1.30
CA SER A 81 -15.36 17.25 2.77
C SER A 81 -16.58 16.40 3.16
N ALA A 82 -17.72 16.62 2.51
CA ALA A 82 -18.96 15.84 2.67
C ALA A 82 -18.64 14.35 2.50
N LEU A 83 -18.12 14.00 1.33
CA LEU A 83 -17.87 12.61 0.85
C LEU A 83 -16.92 11.87 1.80
N SER A 84 -16.03 12.59 2.48
CA SER A 84 -14.98 12.01 3.36
C SER A 84 -15.64 11.43 4.61
N ASP A 85 -16.52 12.18 5.28
CA ASP A 85 -17.28 11.66 6.45
CA ASP A 85 -17.27 11.66 6.45
C ASP A 85 -18.09 10.44 5.99
N LEU A 86 -18.70 10.53 4.81
CA LEU A 86 -19.50 9.42 4.26
C LEU A 86 -18.63 8.17 4.14
N HIS A 87 -17.57 8.23 3.32
CA HIS A 87 -16.77 7.04 2.90
C HIS A 87 -16.04 6.41 4.09
N ALA A 88 -15.61 7.20 5.07
CA ALA A 88 -14.99 6.70 6.32
C ALA A 88 -16.04 6.12 7.27
N HIS A 89 -16.97 6.92 7.80
CA HIS A 89 -17.85 6.49 8.92
C HIS A 89 -18.92 5.51 8.41
N LYS A 90 -19.73 5.99 7.50
CA LYS A 90 -20.93 5.19 7.03
CA LYS A 90 -20.85 5.18 6.99
C LYS A 90 -20.66 3.87 6.16
N LEU A 91 -19.73 4.10 5.23
CA LEU A 91 -19.40 3.07 4.22
C LEU A 91 -18.21 2.20 4.68
N ARG A 92 -17.33 2.71 5.53
CA ARG A 92 -16.11 1.98 6.00
C ARG A 92 -15.39 1.44 4.76
N VAL A 93 -15.10 2.33 3.82
CA VAL A 93 -14.40 1.93 2.57
C VAL A 93 -12.93 1.72 2.88
N ASP A 94 -12.44 0.53 2.56
CA ASP A 94 -11.02 0.13 2.73
C ASP A 94 -10.19 1.07 1.87
N PRO A 95 -9.20 1.77 2.45
CA PRO A 95 -8.32 2.62 1.68
C PRO A 95 -7.74 1.98 0.41
N VAL A 96 -7.49 0.66 0.41
CA VAL A 96 -6.95 -0.01 -0.82
C VAL A 96 -7.93 0.15 -1.98
N ASN A 97 -9.24 0.18 -1.73
CA ASN A 97 -10.20 0.20 -2.84
C ASN A 97 -10.11 1.55 -3.60
N PHE A 98 -9.65 2.60 -2.96
CA PHE A 98 -9.48 3.93 -3.62
C PHE A 98 -8.35 3.76 -4.64
N LYS A 99 -7.30 3.07 -4.20
CA LYS A 99 -6.19 2.76 -5.23
CA LYS A 99 -6.25 2.73 -5.19
C LYS A 99 -6.68 1.91 -6.46
N LEU A 100 -7.61 0.97 -6.15
CA LEU A 100 -8.16 0.12 -7.23
C LEU A 100 -9.01 0.99 -8.16
N LEU A 101 -9.90 1.82 -7.62
CA LEU A 101 -10.77 2.64 -8.47
C LEU A 101 -9.92 3.65 -9.26
N SER A 102 -8.97 4.25 -8.59
CA SER A 102 -8.07 5.25 -9.23
C SER A 102 -7.37 4.59 -10.42
N HIS A 103 -6.84 3.41 -10.25
CA HIS A 103 -6.18 2.69 -11.35
C HIS A 103 -7.18 2.47 -12.48
N CYS A 104 -8.40 2.00 -12.16
CA CYS A 104 -9.40 1.76 -13.23
C CYS A 104 -9.83 3.05 -13.91
N LEU A 105 -9.82 4.20 -13.22
CA LEU A 105 -10.06 5.51 -13.84
C LEU A 105 -8.92 5.81 -14.81
N LEU A 106 -7.67 5.58 -14.42
CA LEU A 106 -6.52 5.82 -15.35
C LEU A 106 -6.65 4.93 -16.60
N VAL A 107 -6.97 3.64 -16.44
CA VAL A 107 -7.12 2.71 -17.57
C VAL A 107 -8.22 3.25 -18.50
N THR A 108 -9.33 3.68 -17.91
CA THR A 108 -10.46 4.21 -18.70
C THR A 108 -10.03 5.43 -19.49
N LEU A 109 -9.37 6.35 -18.83
CA LEU A 109 -8.88 7.60 -19.48
C LEU A 109 -7.88 7.25 -20.57
N ALA A 110 -6.93 6.33 -20.33
CA ALA A 110 -5.96 5.88 -21.34
C ALA A 110 -6.72 5.34 -22.56
N ALA A 111 -7.74 4.51 -22.37
CA ALA A 111 -8.47 3.82 -23.45
C ALA A 111 -9.27 4.84 -24.27
N HIS A 112 -9.52 6.02 -23.72
CA HIS A 112 -10.36 7.04 -24.43
C HIS A 112 -9.57 8.27 -24.86
N LEU A 113 -8.37 8.49 -24.33
CA LEU A 113 -7.55 9.71 -24.58
C LEU A 113 -6.23 9.32 -25.25
N PRO A 114 -6.25 8.78 -26.48
CA PRO A 114 -5.01 8.38 -27.17
C PRO A 114 -3.98 9.52 -27.25
N ALA A 115 -4.41 10.74 -27.54
CA ALA A 115 -3.45 11.83 -27.72
C ALA A 115 -3.08 12.43 -26.37
N GLU A 116 -4.06 12.60 -25.48
CA GLU A 116 -3.91 13.43 -24.26
CA GLU A 116 -3.86 13.45 -24.26
C GLU A 116 -3.15 12.67 -23.15
N PHE A 117 -3.27 11.33 -23.12
CA PHE A 117 -2.74 10.53 -21.99
C PHE A 117 -1.22 10.26 -22.17
N THR A 118 -0.46 11.34 -22.21
CA THR A 118 1.01 11.34 -22.29
C THR A 118 1.56 10.87 -20.95
N PRO A 119 2.83 10.48 -20.89
CA PRO A 119 3.41 10.13 -19.58
C PRO A 119 3.25 11.21 -18.52
N ALA A 120 3.42 12.47 -18.89
CA ALA A 120 3.34 13.56 -17.89
C ALA A 120 1.88 13.72 -17.46
N VAL A 121 0.94 13.61 -18.38
CA VAL A 121 -0.50 13.76 -18.01
C VAL A 121 -0.91 12.56 -17.15
N HIS A 122 -0.48 11.36 -17.48
CA HIS A 122 -0.71 10.16 -16.67
C HIS A 122 -0.20 10.44 -15.23
N ALA A 123 1.03 10.94 -15.09
CA ALA A 123 1.62 11.18 -13.74
C ALA A 123 0.70 12.19 -13.00
N SER A 124 0.29 13.27 -13.66
CA SER A 124 -0.54 14.30 -13.01
C SER A 124 -1.89 13.74 -12.62
N LEU A 125 -2.54 12.97 -13.50
CA LEU A 125 -3.84 12.32 -13.16
C LEU A 125 -3.69 11.37 -11.98
N ASP A 126 -2.59 10.62 -11.91
CA ASP A 126 -2.32 9.75 -10.75
C ASP A 126 -2.26 10.57 -9.46
N LYS A 127 -1.57 11.71 -9.46
CA LYS A 127 -1.37 12.58 -8.27
CA LYS A 127 -1.39 12.50 -8.21
C LYS A 127 -2.75 13.13 -7.89
N PHE A 128 -3.50 13.53 -8.92
CA PHE A 128 -4.86 14.11 -8.72
C PHE A 128 -5.76 13.06 -8.03
N LEU A 129 -5.80 11.82 -8.54
CA LEU A 129 -6.70 10.79 -7.98
C LEU A 129 -6.21 10.41 -6.59
N ALA A 130 -4.89 10.32 -6.41
CA ALA A 130 -4.32 10.04 -5.06
C ALA A 130 -4.72 11.16 -4.09
N SER A 131 -4.77 12.41 -4.54
CA SER A 131 -5.14 13.58 -3.68
C SER A 131 -6.62 13.47 -3.31
N VAL A 132 -7.45 13.11 -4.27
CA VAL A 132 -8.89 12.88 -4.05
C VAL A 132 -9.01 11.77 -3.01
N SER A 133 -8.23 10.69 -3.19
CA SER A 133 -8.37 9.48 -2.34
C SER A 133 -7.98 9.89 -0.92
N THR A 134 -6.93 10.71 -0.74
CA THR A 134 -6.45 11.19 0.58
C THR A 134 -7.55 11.99 1.27
N VAL A 135 -8.19 12.92 0.59
CA VAL A 135 -9.28 13.69 1.23
C VAL A 135 -10.35 12.71 1.69
N LEU A 136 -10.73 11.76 0.84
CA LEU A 136 -11.87 10.82 1.07
C LEU A 136 -11.54 9.79 2.14
N THR A 137 -10.26 9.66 2.53
CA THR A 137 -9.82 8.76 3.64
C THR A 137 -9.41 9.57 4.88
N SER A 138 -9.47 10.90 4.84
CA SER A 138 -8.88 11.83 5.86
C SER A 138 -9.43 11.57 7.27
N LYS A 139 -10.64 11.00 7.39
CA LYS A 139 -11.25 10.70 8.73
C LYS A 139 -10.52 9.52 9.40
N TYR A 140 -9.68 8.80 8.65
CA TYR A 140 -8.76 7.75 9.22
C TYR A 140 -7.44 8.36 9.67
N ARG A 141 -7.02 9.47 9.06
N ARG A 141 -7.12 9.57 9.20
CA ARG A 141 -5.72 10.13 9.36
CA ARG A 141 -6.16 10.51 9.86
C ARG A 141 -5.87 11.05 10.58
C ARG A 141 -6.95 11.48 10.75
N VAL B 1 -0.98 -18.74 -11.68
CA VAL B 1 -2.35 -18.15 -11.80
C VAL B 1 -3.12 -18.93 -12.86
N HIS B 2 -4.45 -18.96 -12.76
CA HIS B 2 -5.36 -19.70 -13.68
C HIS B 2 -6.29 -18.72 -14.40
N LEU B 3 -6.10 -18.56 -15.70
CA LEU B 3 -7.00 -17.85 -16.65
C LEU B 3 -8.01 -18.86 -17.21
N THR B 4 -9.28 -18.45 -17.33
CA THR B 4 -10.35 -19.16 -18.08
C THR B 4 -9.89 -19.31 -19.53
N PRO B 5 -10.43 -20.29 -20.29
CA PRO B 5 -10.09 -20.42 -21.71
C PRO B 5 -10.32 -19.11 -22.47
N GLU B 6 -11.47 -18.49 -22.20
CA GLU B 6 -11.88 -17.18 -22.78
C GLU B 6 -10.72 -16.22 -22.52
N GLU B 7 -10.28 -16.16 -21.27
CA GLU B 7 -9.24 -15.20 -20.81
C GLU B 7 -7.90 -15.49 -21.48
N LYS B 8 -7.43 -16.74 -21.57
CA LYS B 8 -6.11 -17.05 -22.19
C LYS B 8 -6.09 -16.56 -23.64
N SER B 9 -7.17 -16.84 -24.34
CA SER B 9 -7.34 -16.53 -25.78
C SER B 9 -7.19 -15.02 -25.97
N ALA B 10 -7.89 -14.26 -25.12
CA ALA B 10 -8.00 -12.79 -25.15
C ALA B 10 -6.61 -12.21 -24.92
N VAL B 11 -5.95 -12.69 -23.87
CA VAL B 11 -4.57 -12.27 -23.52
C VAL B 11 -3.65 -12.52 -24.72
N THR B 12 -3.64 -13.74 -25.26
CA THR B 12 -2.66 -14.13 -26.30
C THR B 12 -2.89 -13.29 -27.56
N ALA B 13 -4.13 -13.03 -27.93
CA ALA B 13 -4.45 -12.34 -29.20
C ALA B 13 -3.89 -10.91 -29.12
N LEU B 14 -4.15 -10.23 -28.02
CA LEU B 14 -3.65 -8.85 -27.80
C LEU B 14 -2.12 -8.89 -27.74
N TRP B 15 -1.54 -9.89 -27.08
CA TRP B 15 -0.07 -9.88 -26.85
C TRP B 15 0.65 -10.06 -28.19
N GLY B 16 0.02 -10.79 -29.12
CA GLY B 16 0.49 -10.97 -30.51
C GLY B 16 0.69 -9.62 -31.19
N LYS B 17 -0.19 -8.67 -30.87
CA LYS B 17 -0.24 -7.29 -31.44
CA LYS B 17 -0.18 -7.33 -31.52
C LYS B 17 0.82 -6.40 -30.83
N VAL B 18 1.31 -6.74 -29.63
CA VAL B 18 2.24 -5.91 -28.84
C VAL B 18 3.59 -5.81 -29.54
N ASN B 19 4.08 -4.58 -29.69
CA ASN B 19 5.42 -4.29 -30.25
C ASN B 19 6.47 -4.56 -29.17
N VAL B 20 7.18 -5.70 -29.28
CA VAL B 20 8.16 -6.12 -28.23
C VAL B 20 9.36 -5.16 -28.21
N ASP B 21 9.57 -4.34 -29.24
CA ASP B 21 10.71 -3.39 -29.25
C ASP B 21 10.35 -2.11 -28.50
N GLU B 22 9.05 -1.86 -28.23
CA GLU B 22 8.62 -0.51 -27.74
CA GLU B 22 8.61 -0.50 -27.75
C GLU B 22 7.79 -0.57 -26.45
N VAL B 23 6.89 -1.54 -26.30
CA VAL B 23 5.90 -1.47 -25.19
C VAL B 23 6.64 -1.58 -23.84
N GLY B 24 7.73 -2.36 -23.75
CA GLY B 24 8.42 -2.47 -22.47
C GLY B 24 9.06 -1.15 -22.09
N GLY B 25 9.65 -0.47 -23.06
CA GLY B 25 10.28 0.84 -22.79
C GLY B 25 9.24 1.87 -22.42
N GLU B 26 8.08 1.80 -23.05
CA GLU B 26 6.95 2.71 -22.74
CA GLU B 26 6.96 2.71 -22.73
C GLU B 26 6.52 2.46 -21.29
N ALA B 27 6.33 1.20 -20.91
CA ALA B 27 5.94 0.89 -19.52
C ALA B 27 7.02 1.31 -18.50
N LEU B 28 8.29 1.02 -18.76
CA LEU B 28 9.37 1.39 -17.81
C LEU B 28 9.50 2.93 -17.78
N GLY B 29 9.43 3.55 -18.96
CA GLY B 29 9.52 5.03 -18.96
C GLY B 29 8.40 5.64 -18.12
N ARG B 30 7.17 5.19 -18.30
CA ARG B 30 6.04 5.71 -17.52
C ARG B 30 6.21 5.40 -16.03
N LEU B 31 6.77 4.24 -15.66
CA LEU B 31 7.01 3.98 -14.23
C LEU B 31 7.87 5.09 -13.67
N LEU B 32 8.94 5.39 -14.39
CA LEU B 32 9.92 6.39 -13.92
C LEU B 32 9.32 7.78 -13.84
N VAL B 33 8.43 8.12 -14.77
CA VAL B 33 7.79 9.45 -14.76
C VAL B 33 6.69 9.54 -13.70
N VAL B 34 5.84 8.52 -13.67
CA VAL B 34 4.64 8.52 -12.81
C VAL B 34 5.02 8.33 -11.33
N TYR B 35 6.02 7.48 -11.06
CA TYR B 35 6.44 7.15 -9.67
C TYR B 35 7.92 7.48 -9.57
N PRO B 36 8.25 8.76 -9.40
CA PRO B 36 9.63 9.18 -9.63
C PRO B 36 10.66 8.66 -8.65
N TRP B 37 10.22 8.14 -7.50
CA TRP B 37 11.18 7.45 -6.59
C TRP B 37 11.85 6.29 -7.28
N THR B 38 11.20 5.69 -8.27
CA THR B 38 11.75 4.52 -9.00
C THR B 38 12.99 4.95 -9.80
N GLN B 39 13.19 6.25 -10.07
CA GLN B 39 14.42 6.68 -10.78
C GLN B 39 15.65 6.39 -9.95
N ARG B 40 15.51 6.27 -8.63
CA ARG B 40 16.66 5.99 -7.72
CA ARG B 40 16.66 5.98 -7.72
C ARG B 40 17.39 4.72 -8.21
N PHE B 41 16.65 3.76 -8.69
CA PHE B 41 17.21 2.45 -9.07
C PHE B 41 17.84 2.48 -10.48
N PHE B 42 17.57 3.51 -11.27
CA PHE B 42 17.93 3.57 -12.71
C PHE B 42 18.80 4.79 -13.01
N GLU B 43 19.43 5.37 -12.02
CA GLU B 43 20.22 6.61 -12.27
C GLU B 43 21.32 6.32 -13.27
N SER B 44 21.94 5.13 -13.25
CA SER B 44 23.01 4.77 -14.22
C SER B 44 22.47 4.65 -15.65
N PHE B 45 21.18 4.87 -15.88
CA PHE B 45 20.63 4.80 -17.24
C PHE B 45 20.84 6.15 -17.95
N GLY B 46 21.32 7.14 -17.21
CA GLY B 46 21.78 8.42 -17.81
C GLY B 46 20.70 9.47 -17.65
N ASP B 47 20.26 10.04 -18.76
CA ASP B 47 19.43 11.28 -18.70
C ASP B 47 17.97 10.92 -18.38
N LEU B 48 17.49 11.29 -17.20
CA LEU B 48 16.10 11.09 -16.75
C LEU B 48 15.51 12.45 -16.39
N SER B 49 15.97 13.52 -17.04
CA SER B 49 15.81 14.89 -16.52
C SER B 49 14.43 15.47 -16.86
N THR B 50 13.75 14.94 -17.86
CA THR B 50 12.41 15.39 -18.27
C THR B 50 11.63 14.18 -18.70
N PRO B 51 10.29 14.24 -18.81
CA PRO B 51 9.54 13.07 -19.25
C PRO B 51 10.00 12.64 -20.66
N ASP B 52 10.26 13.60 -21.54
CA ASP B 52 10.68 13.23 -22.91
C ASP B 52 12.05 12.56 -22.85
N ALA B 53 12.98 13.07 -22.03
CA ALA B 53 14.31 12.44 -21.89
C ALA B 53 14.15 10.99 -21.41
N VAL B 54 13.34 10.80 -20.38
CA VAL B 54 13.07 9.43 -19.87
C VAL B 54 12.53 8.56 -21.01
N MET B 55 11.51 9.01 -21.73
CA MET B 55 10.86 8.14 -22.76
C MET B 55 11.79 7.88 -23.95
N GLY B 56 12.69 8.80 -24.24
CA GLY B 56 13.66 8.67 -25.36
C GLY B 56 14.97 8.00 -24.92
N ASN B 57 15.14 7.76 -23.63
CA ASN B 57 16.42 7.24 -23.08
C ASN B 57 16.73 5.89 -23.68
N PRO B 58 17.90 5.71 -24.32
CA PRO B 58 18.21 4.45 -24.97
C PRO B 58 18.32 3.28 -23.98
N LYS B 59 18.85 3.51 -22.78
CA LYS B 59 18.99 2.43 -21.76
CA LYS B 59 19.00 2.42 -21.78
C LYS B 59 17.61 2.02 -21.26
N VAL B 60 16.71 2.99 -21.09
CA VAL B 60 15.30 2.69 -20.72
C VAL B 60 14.68 1.84 -21.83
N LYS B 61 14.84 2.18 -23.10
CA LYS B 61 14.28 1.38 -24.22
CA LYS B 61 14.20 1.36 -24.16
C LYS B 61 14.82 -0.04 -24.14
N ALA B 62 16.13 -0.14 -24.06
CA ALA B 62 16.85 -1.42 -24.11
C ALA B 62 16.37 -2.29 -22.95
N HIS B 63 16.42 -1.76 -21.74
CA HIS B 63 16.01 -2.53 -20.53
C HIS B 63 14.52 -2.87 -20.59
N GLY B 64 13.68 -1.93 -21.04
CA GLY B 64 12.26 -2.24 -21.25
C GLY B 64 12.03 -3.47 -22.12
N LYS B 65 12.84 -3.73 -23.14
CA LYS B 65 12.67 -4.93 -24.02
CA LYS B 65 12.63 -4.93 -23.99
C LYS B 65 12.85 -6.17 -23.14
N LYS B 66 13.82 -6.13 -22.22
CA LYS B 66 14.10 -7.29 -21.35
C LYS B 66 12.95 -7.45 -20.35
N VAL B 67 12.48 -6.36 -19.74
CA VAL B 67 11.32 -6.44 -18.81
C VAL B 67 10.14 -7.06 -19.56
N LEU B 68 9.87 -6.60 -20.79
CA LEU B 68 8.73 -7.13 -21.54
C LEU B 68 9.01 -8.60 -21.87
N GLY B 69 10.26 -8.96 -22.19
CA GLY B 69 10.61 -10.37 -22.46
C GLY B 69 10.29 -11.25 -21.27
N ALA B 70 10.52 -10.75 -20.05
CA ALA B 70 10.23 -11.50 -18.79
C ALA B 70 8.72 -11.68 -18.64
N PHE B 71 7.95 -10.65 -18.97
CA PHE B 71 6.47 -10.80 -19.02
C PHE B 71 6.10 -11.83 -20.09
N SER B 72 6.67 -11.78 -21.29
CA SER B 72 6.29 -12.76 -22.35
C SER B 72 6.62 -14.17 -21.85
N ASP B 73 7.78 -14.34 -21.19
CA ASP B 73 8.14 -15.66 -20.61
C ASP B 73 7.06 -16.07 -19.61
N GLY B 74 6.60 -15.17 -18.76
CA GLY B 74 5.58 -15.46 -17.74
C GLY B 74 4.28 -15.87 -18.40
N LEU B 75 3.84 -15.14 -19.44
CA LEU B 75 2.61 -15.49 -20.21
C LEU B 75 2.70 -16.92 -20.76
N ALA B 76 3.89 -17.39 -21.11
CA ALA B 76 4.08 -18.77 -21.65
C ALA B 76 4.14 -19.79 -20.52
N HIS B 77 4.13 -19.36 -19.25
CA HIS B 77 4.36 -20.23 -18.06
C HIS B 77 3.52 -19.74 -16.87
N LEU B 78 2.20 -19.57 -17.12
CA LEU B 78 1.24 -19.03 -16.11
C LEU B 78 1.15 -20.00 -14.92
N ASP B 79 1.29 -21.28 -15.26
CA ASP B 79 1.31 -22.52 -14.44
CA ASP B 79 1.21 -22.40 -14.27
C ASP B 79 2.53 -22.57 -13.50
N ASN B 80 3.60 -21.88 -13.88
CA ASN B 80 4.89 -22.01 -13.14
C ASN B 80 5.59 -20.65 -13.11
N LEU B 81 4.91 -19.64 -12.55
CA LEU B 81 5.50 -18.30 -12.49
C LEU B 81 6.69 -18.28 -11.52
N LYS B 82 6.63 -19.02 -10.42
CA LYS B 82 7.72 -18.98 -9.42
CA LYS B 82 7.71 -19.05 -9.41
C LYS B 82 9.04 -19.34 -10.12
N GLY B 83 9.08 -20.43 -10.89
CA GLY B 83 10.30 -20.88 -11.58
C GLY B 83 10.71 -19.92 -12.71
N THR B 84 9.74 -19.27 -13.32
CA THR B 84 9.97 -18.39 -14.49
C THR B 84 10.60 -17.07 -13.99
N PHE B 85 10.60 -16.81 -12.68
CA PHE B 85 11.17 -15.55 -12.09
C PHE B 85 12.09 -15.84 -10.91
N ALA B 86 12.55 -17.08 -10.75
CA ALA B 86 13.23 -17.55 -9.53
C ALA B 86 14.47 -16.70 -9.19
N THR B 87 15.40 -16.61 -10.14
CA THR B 87 16.66 -15.86 -9.93
C THR B 87 16.40 -14.38 -10.12
N LEU B 88 15.46 -14.01 -10.97
CA LEU B 88 15.10 -12.57 -11.11
C LEU B 88 14.59 -12.09 -9.74
N SER B 89 13.84 -12.92 -9.01
CA SER B 89 13.34 -12.54 -7.67
C SER B 89 14.54 -12.27 -6.75
N GLU B 90 15.49 -13.19 -6.74
CA GLU B 90 16.71 -13.05 -5.93
C GLU B 90 17.44 -11.78 -6.36
N LEU B 91 17.51 -11.50 -7.65
CA LEU B 91 18.27 -10.31 -8.11
C LEU B 91 17.62 -9.05 -7.54
N HIS B 92 16.30 -8.94 -7.65
CA HIS B 92 15.60 -7.72 -7.20
C HIS B 92 15.72 -7.59 -5.68
N CYS B 93 15.66 -8.72 -4.95
CA CYS B 93 15.65 -8.67 -3.46
C CYS B 93 17.05 -8.44 -2.91
N ASP B 94 18.03 -9.23 -3.33
CA ASP B 94 19.36 -9.28 -2.67
C ASP B 94 20.31 -8.23 -3.26
N LYS B 95 20.29 -8.00 -4.56
CA LYS B 95 21.26 -7.12 -5.25
CA LYS B 95 21.26 -7.11 -5.25
C LYS B 95 20.65 -5.73 -5.43
N LEU B 96 19.39 -5.64 -5.84
CA LEU B 96 18.84 -4.32 -6.24
C LEU B 96 18.11 -3.66 -5.08
N HIS B 97 17.58 -4.44 -4.13
CA HIS B 97 16.86 -3.93 -2.92
C HIS B 97 15.60 -3.19 -3.33
N VAL B 98 14.86 -3.66 -4.36
CA VAL B 98 13.58 -3.04 -4.81
C VAL B 98 12.44 -3.45 -3.89
N ASP B 99 11.67 -2.51 -3.37
CA ASP B 99 10.47 -2.91 -2.62
C ASP B 99 9.48 -3.56 -3.57
N PRO B 100 8.95 -4.74 -3.22
CA PRO B 100 8.01 -5.43 -4.09
C PRO B 100 6.69 -4.71 -4.37
N GLU B 101 6.32 -3.69 -3.61
CA GLU B 101 5.15 -2.88 -4.01
C GLU B 101 5.35 -2.34 -5.43
N ASN B 102 6.58 -2.00 -5.82
CA ASN B 102 6.84 -1.41 -7.14
C ASN B 102 6.56 -2.41 -8.27
N PHE B 103 6.56 -3.71 -7.98
CA PHE B 103 6.24 -4.70 -9.02
C PHE B 103 4.77 -4.60 -9.38
N ARG B 104 3.92 -4.36 -8.39
CA ARG B 104 2.47 -4.09 -8.59
CA ARG B 104 2.48 -4.11 -8.62
C ARG B 104 2.34 -2.80 -9.41
N LEU B 105 3.10 -1.76 -9.07
CA LEU B 105 2.98 -0.48 -9.81
C LEU B 105 3.38 -0.71 -11.25
N LEU B 106 4.49 -1.40 -11.52
CA LEU B 106 4.94 -1.58 -12.93
C LEU B 106 3.87 -2.38 -13.66
N GLY B 107 3.26 -3.39 -13.03
CA GLY B 107 2.19 -4.17 -13.67
C GLY B 107 1.01 -3.30 -14.06
N ASN B 108 0.67 -2.40 -13.20
CA ASN B 108 -0.46 -1.46 -13.42
C ASN B 108 -0.08 -0.44 -14.51
N VAL B 109 1.16 0.02 -14.54
CA VAL B 109 1.60 0.91 -15.64
C VAL B 109 1.51 0.16 -16.96
N LEU B 110 1.96 -1.12 -17.02
CA LEU B 110 1.86 -1.89 -18.26
C LEU B 110 0.40 -2.00 -18.66
N VAL B 111 -0.50 -2.23 -17.73
CA VAL B 111 -1.94 -2.28 -18.08
C VAL B 111 -2.38 -0.94 -18.69
N CYS B 112 -2.01 0.17 -18.11
CA CYS B 112 -2.34 1.50 -18.64
C CYS B 112 -1.74 1.68 -20.03
N VAL B 113 -0.54 1.18 -20.28
CA VAL B 113 0.07 1.24 -21.63
C VAL B 113 -0.76 0.42 -22.62
N LEU B 114 -1.19 -0.79 -22.26
CA LEU B 114 -2.02 -1.60 -23.19
C LEU B 114 -3.33 -0.86 -23.48
N ALA B 115 -3.98 -0.29 -22.47
CA ALA B 115 -5.19 0.53 -22.63
C ALA B 115 -4.91 1.70 -23.58
N HIS B 116 -3.81 2.41 -23.38
CA HIS B 116 -3.51 3.58 -24.22
C HIS B 116 -3.34 3.16 -25.68
N HIS B 117 -2.57 2.10 -25.91
CA HIS B 117 -2.23 1.67 -27.29
CA HIS B 117 -2.21 1.63 -27.27
C HIS B 117 -3.41 0.98 -27.97
N PHE B 118 -4.20 0.20 -27.24
CA PHE B 118 -5.26 -0.64 -27.86
C PHE B 118 -6.67 -0.04 -27.76
N GLY B 119 -6.84 1.01 -26.96
CA GLY B 119 -8.12 1.73 -26.91
C GLY B 119 -9.27 0.81 -26.54
N LYS B 120 -10.39 0.91 -27.26
CA LYS B 120 -11.66 0.22 -26.92
CA LYS B 120 -11.66 0.22 -26.91
C LYS B 120 -11.45 -1.31 -26.94
N GLU B 121 -10.41 -1.79 -27.63
CA GLU B 121 -10.15 -3.25 -27.74
C GLU B 121 -9.73 -3.78 -26.36
N PHE B 122 -9.16 -2.92 -25.50
CA PHE B 122 -8.74 -3.30 -24.12
C PHE B 122 -9.99 -3.20 -23.25
N THR B 123 -10.91 -4.13 -23.46
CA THR B 123 -12.24 -4.14 -22.81
C THR B 123 -12.08 -4.45 -21.34
N PRO B 124 -13.11 -4.19 -20.52
CA PRO B 124 -13.09 -4.59 -19.10
C PRO B 124 -12.73 -6.08 -18.94
N PRO B 125 -13.33 -7.04 -19.66
CA PRO B 125 -12.89 -8.43 -19.51
C PRO B 125 -11.42 -8.67 -19.89
N VAL B 126 -10.93 -8.01 -20.94
CA VAL B 126 -9.50 -8.17 -21.37
C VAL B 126 -8.65 -7.61 -20.23
N GLN B 127 -9.02 -6.45 -19.69
CA GLN B 127 -8.27 -5.87 -18.55
C GLN B 127 -8.25 -6.84 -17.38
N ALA B 128 -9.39 -7.42 -17.01
CA ALA B 128 -9.46 -8.32 -15.83
C ALA B 128 -8.48 -9.50 -16.02
N ALA B 129 -8.35 -10.02 -17.25
CA ALA B 129 -7.45 -11.15 -17.56
C ALA B 129 -6.01 -10.66 -17.39
N TYR B 130 -5.68 -9.47 -17.91
CA TYR B 130 -4.32 -8.92 -17.70
C TYR B 130 -4.04 -8.62 -16.23
N GLN B 131 -5.02 -8.18 -15.43
CA GLN B 131 -4.77 -7.93 -14.00
C GLN B 131 -4.36 -9.25 -13.34
N LYS B 132 -4.93 -10.38 -13.72
CA LYS B 132 -4.47 -11.67 -13.11
C LYS B 132 -3.00 -11.91 -13.52
N VAL B 133 -2.67 -11.69 -14.79
CA VAL B 133 -1.28 -11.93 -15.30
C VAL B 133 -0.31 -11.03 -14.51
N VAL B 134 -0.54 -9.72 -14.45
CA VAL B 134 0.50 -8.85 -13.86
C VAL B 134 0.58 -9.06 -12.35
N ALA B 135 -0.50 -9.45 -11.67
CA ALA B 135 -0.47 -9.81 -10.22
C ALA B 135 0.38 -11.08 -10.09
N GLY B 136 0.18 -12.04 -10.99
CA GLY B 136 0.90 -13.33 -10.94
C GLY B 136 2.41 -13.10 -11.11
N VAL B 137 2.77 -12.20 -12.03
CA VAL B 137 4.18 -11.81 -12.27
C VAL B 137 4.74 -11.13 -11.02
N ALA B 138 4.03 -10.13 -10.49
CA ALA B 138 4.51 -9.40 -9.30
C ALA B 138 4.70 -10.34 -8.11
N ASN B 139 3.76 -11.28 -7.87
CA ASN B 139 3.88 -12.26 -6.77
CA ASN B 139 3.88 -12.26 -6.76
C ASN B 139 5.08 -13.19 -7.00
N ALA B 140 5.31 -13.59 -8.25
CA ALA B 140 6.45 -14.48 -8.59
C ALA B 140 7.77 -13.72 -8.36
N LEU B 141 7.81 -12.43 -8.74
CA LEU B 141 9.06 -11.67 -8.58
C LEU B 141 9.26 -11.38 -7.08
N ALA B 142 8.21 -11.33 -6.29
CA ALA B 142 8.30 -11.09 -4.83
C ALA B 142 8.61 -12.37 -4.04
N HIS B 143 8.70 -13.53 -4.69
CA HIS B 143 8.78 -14.84 -3.98
C HIS B 143 9.91 -14.81 -2.94
N LYS B 144 11.09 -14.32 -3.30
CA LYS B 144 12.30 -14.38 -2.43
C LYS B 144 12.22 -13.38 -1.28
N TYR B 145 11.25 -12.44 -1.29
CA TYR B 145 11.02 -11.48 -0.18
C TYR B 145 10.11 -12.11 0.89
N HIS B 146 9.17 -12.92 0.37
N HIS B 146 9.21 -13.05 0.54
CA HIS B 146 7.91 -13.44 0.95
CA HIS B 146 8.31 -13.70 1.54
C HIS B 146 6.82 -12.37 0.81
C HIS B 146 8.55 -15.21 1.62
N VAL C 1 -4.53 16.67 9.42
CA VAL C 1 -6.04 16.83 9.51
C VAL C 1 -6.55 16.16 10.79
N LEU C 2 -5.66 15.82 11.75
CA LEU C 2 -5.93 15.00 12.96
C LEU C 2 -7.16 15.53 13.68
N SER C 3 -8.01 14.66 14.24
CA SER C 3 -9.12 15.12 15.10
C SER C 3 -8.56 15.81 16.34
N PRO C 4 -9.36 16.64 17.04
CA PRO C 4 -8.99 17.12 18.38
C PRO C 4 -8.47 16.01 19.30
N ALA C 5 -9.21 14.92 19.44
CA ALA C 5 -8.84 13.73 20.27
C ALA C 5 -7.39 13.31 20.02
N ASP C 6 -7.04 13.18 18.73
CA ASP C 6 -5.75 12.62 18.25
C ASP C 6 -4.58 13.50 18.73
N LYS C 7 -4.73 14.82 18.69
CA LYS C 7 -3.65 15.74 19.13
CA LYS C 7 -3.67 15.76 19.15
C LYS C 7 -3.37 15.56 20.64
N THR C 8 -4.42 15.43 21.45
CA THR C 8 -4.26 15.26 22.93
C THR C 8 -3.40 14.01 23.22
N ASN C 9 -3.71 12.87 22.58
CA ASN C 9 -3.03 11.59 22.90
C ASN C 9 -1.56 11.68 22.48
N VAL C 10 -1.31 12.24 21.31
CA VAL C 10 0.06 12.33 20.71
C VAL C 10 0.95 13.17 21.65
N LYS C 11 0.48 14.32 22.11
CA LYS C 11 1.30 15.21 22.97
CA LYS C 11 1.26 15.23 22.99
C LYS C 11 1.63 14.48 24.28
N ALA C 12 0.67 13.74 24.84
CA ALA C 12 0.84 13.02 26.12
C ALA C 12 1.90 11.93 26.00
N ALA C 13 1.80 11.10 24.96
CA ALA C 13 2.74 9.96 24.69
C ALA C 13 4.13 10.55 24.46
N TRP C 14 4.22 11.53 23.58
CA TRP C 14 5.54 12.12 23.19
C TRP C 14 6.15 12.84 24.41
N GLY C 15 5.29 13.44 25.24
CA GLY C 15 5.72 14.06 26.50
C GLY C 15 6.49 13.06 27.36
N LYS C 16 5.94 11.86 27.54
CA LYS C 16 6.57 10.86 28.45
CA LYS C 16 6.50 10.73 28.35
C LYS C 16 7.86 10.31 27.80
N VAL C 17 7.94 10.21 26.49
CA VAL C 17 9.18 9.78 25.79
C VAL C 17 10.31 10.71 26.27
N GLY C 18 10.03 12.02 26.33
CA GLY C 18 10.94 13.02 26.94
C GLY C 18 12.32 13.00 26.30
N ALA C 19 13.37 12.94 27.13
CA ALA C 19 14.78 12.98 26.70
C ALA C 19 15.16 11.65 26.03
N HIS C 20 14.28 10.63 26.05
CA HIS C 20 14.56 9.34 25.36
C HIS C 20 14.21 9.39 23.86
N ALA C 21 13.69 10.50 23.33
CA ALA C 21 13.14 10.58 21.96
C ALA C 21 14.24 10.16 20.97
N GLY C 22 15.47 10.67 21.12
CA GLY C 22 16.61 10.31 20.25
C GLY C 22 16.89 8.82 20.26
N GLU C 23 16.92 8.23 21.46
CA GLU C 23 17.18 6.78 21.69
CA GLU C 23 17.23 6.79 21.61
C GLU C 23 16.10 5.98 20.96
N TYR C 24 14.85 6.40 21.08
CA TYR C 24 13.72 5.65 20.48
C TYR C 24 13.74 5.81 18.97
N GLY C 25 14.09 7.02 18.49
CA GLY C 25 14.32 7.21 17.05
C GLY C 25 15.38 6.25 16.55
N ALA C 26 16.49 6.09 17.27
CA ALA C 26 17.61 5.25 16.84
C ALA C 26 17.15 3.77 16.86
N GLU C 27 16.36 3.40 17.86
CA GLU C 27 15.88 2.00 17.99
C GLU C 27 14.91 1.72 16.86
N ALA C 28 14.03 2.66 16.55
CA ALA C 28 13.05 2.48 15.45
C ALA C 28 13.82 2.27 14.14
N LEU C 29 14.88 3.05 13.89
CA LEU C 29 15.71 2.86 12.68
C LEU C 29 16.35 1.45 12.71
N GLU C 30 16.89 1.04 13.84
CA GLU C 30 17.54 -0.27 13.91
C GLU C 30 16.52 -1.36 13.61
N ARG C 31 15.30 -1.25 14.21
CA ARG C 31 14.23 -2.23 13.98
C ARG C 31 13.90 -2.26 12.49
N MET C 32 13.84 -1.11 11.84
CA MET C 32 13.51 -1.02 10.41
C MET C 32 14.61 -1.72 9.61
N PHE C 33 15.87 -1.39 9.84
CA PHE C 33 16.97 -1.97 9.06
C PHE C 33 16.98 -3.51 9.22
N LEU C 34 16.73 -4.01 10.42
CA LEU C 34 16.75 -5.48 10.68
C LEU C 34 15.51 -6.15 10.09
N SER C 35 14.33 -5.56 10.31
CA SER C 35 13.07 -6.17 9.82
C SER C 35 12.93 -6.05 8.32
N PHE C 36 13.38 -4.93 7.74
CA PHE C 36 13.09 -4.57 6.34
C PHE C 36 14.39 -4.14 5.69
N PRO C 37 15.27 -5.10 5.38
CA PRO C 37 16.65 -4.77 5.01
C PRO C 37 16.79 -3.97 3.72
N THR C 38 15.73 -3.94 2.87
CA THR C 38 15.74 -3.08 1.68
C THR C 38 16.04 -1.67 2.11
N THR C 39 15.65 -1.28 3.32
CA THR C 39 15.77 0.14 3.76
C THR C 39 17.24 0.51 4.05
N LYS C 40 18.13 -0.46 4.27
CA LYS C 40 19.56 -0.15 4.60
C LYS C 40 20.25 0.60 3.46
N THR C 41 19.77 0.43 2.23
CA THR C 41 20.51 0.95 1.06
C THR C 41 20.38 2.47 1.00
N TYR C 42 19.47 3.07 1.76
CA TYR C 42 19.39 4.56 1.83
C TYR C 42 20.49 5.14 2.70
N PHE C 43 21.24 4.31 3.41
CA PHE C 43 22.28 4.80 4.36
C PHE C 43 23.63 4.17 4.08
N PRO C 44 24.15 4.28 2.85
CA PRO C 44 25.41 3.62 2.48
C PRO C 44 26.65 4.12 3.24
N HIS C 45 26.64 5.35 3.75
CA HIS C 45 27.81 5.99 4.42
CA HIS C 45 27.84 5.93 4.42
C HIS C 45 27.67 5.85 5.94
N PHE C 46 26.76 4.97 6.38
CA PHE C 46 26.51 4.70 7.81
C PHE C 46 27.05 3.33 8.25
N ASP C 47 27.56 3.34 9.47
CA ASP C 47 27.71 2.16 10.34
C ASP C 47 26.32 1.82 10.88
N LEU C 48 25.77 0.68 10.49
CA LEU C 48 24.39 0.27 10.83
C LEU C 48 24.45 -0.85 11.85
N SER C 49 25.57 -1.07 12.51
CA SER C 49 25.72 -2.11 13.56
C SER C 49 24.89 -1.71 14.80
N HIS C 50 24.56 -2.67 15.68
CA HIS C 50 23.81 -2.36 16.91
C HIS C 50 24.60 -1.30 17.70
N GLY C 51 23.92 -0.26 18.16
CA GLY C 51 24.55 0.77 19.02
C GLY C 51 25.46 1.70 18.25
N SER C 52 25.38 1.71 16.91
CA SER C 52 26.07 2.68 16.03
C SER C 52 25.89 4.09 16.58
N ALA C 53 26.98 4.82 16.79
CA ALA C 53 26.95 6.27 17.05
C ALA C 53 26.22 7.02 15.93
N GLN C 54 26.40 6.63 14.66
CA GLN C 54 25.82 7.37 13.51
C GLN C 54 24.30 7.15 13.53
N VAL C 55 23.86 5.93 13.78
CA VAL C 55 22.41 5.68 13.88
C VAL C 55 21.83 6.44 15.08
N LYS C 56 22.55 6.50 16.21
CA LYS C 56 22.07 7.27 17.39
C LYS C 56 21.92 8.74 16.98
N GLY C 57 22.90 9.29 16.26
CA GLY C 57 22.85 10.71 15.86
C GLY C 57 21.69 10.96 14.90
N HIS C 58 21.47 10.06 13.95
CA HIS C 58 20.36 10.16 12.97
C HIS C 58 19.00 9.99 13.67
N GLY C 59 18.89 9.06 14.63
CA GLY C 59 17.70 8.94 15.50
C GLY C 59 17.31 10.27 16.14
N LYS C 60 18.30 11.03 16.61
CA LYS C 60 18.06 12.36 17.24
CA LYS C 60 18.05 12.36 17.25
C LYS C 60 17.42 13.29 16.19
N LYS C 61 17.91 13.29 14.95
N LYS C 61 17.96 13.28 14.96
CA LYS C 61 17.37 14.22 13.92
CA LYS C 61 17.45 14.10 13.83
C LYS C 61 15.92 13.83 13.58
C LYS C 61 15.96 13.81 13.63
N VAL C 62 15.65 12.54 13.45
CA VAL C 62 14.27 12.03 13.18
C VAL C 62 13.37 12.43 14.37
N ALA C 63 13.79 12.15 15.59
CA ALA C 63 13.04 12.43 16.83
C ALA C 63 12.75 13.94 16.94
N ASP C 64 13.76 14.77 16.70
CA ASP C 64 13.67 16.26 16.76
C ASP C 64 12.58 16.73 15.78
N ALA C 65 12.55 16.17 14.56
CA ALA C 65 11.57 16.50 13.50
C ALA C 65 10.17 16.08 13.99
N LEU C 66 10.07 14.93 14.66
CA LEU C 66 8.74 14.49 15.19
C LEU C 66 8.33 15.40 16.33
N THR C 67 9.25 15.74 17.24
CA THR C 67 9.03 16.66 18.39
C THR C 67 8.49 17.99 17.83
N ASN C 68 9.13 18.47 16.78
CA ASN C 68 8.78 19.76 16.13
C ASN C 68 7.40 19.61 15.52
N ALA C 69 7.08 18.46 14.91
CA ALA C 69 5.78 18.17 14.28
C ALA C 69 4.67 18.12 15.33
N VAL C 70 4.92 17.51 16.50
CA VAL C 70 3.98 17.49 17.66
C VAL C 70 3.75 18.94 18.12
N ALA C 71 4.81 19.75 18.27
CA ALA C 71 4.71 21.19 18.66
C ALA C 71 3.93 22.02 17.61
N HIS C 72 3.97 21.61 16.34
CA HIS C 72 3.35 22.31 15.18
C HIS C 72 2.20 21.46 14.60
N VAL C 73 1.45 20.77 15.44
CA VAL C 73 0.52 19.69 14.98
C VAL C 73 -0.56 20.26 14.05
N ASP C 74 -1.00 21.50 14.29
CA ASP C 74 -2.05 22.21 13.51
C ASP C 74 -1.50 22.69 12.16
N ASP C 75 -0.18 22.69 11.96
CA ASP C 75 0.46 23.24 10.74
C ASP C 75 1.65 22.36 10.39
N MET C 76 1.39 21.09 10.11
CA MET C 76 2.51 20.15 9.87
C MET C 76 3.15 20.36 8.52
N PRO C 77 2.39 20.63 7.44
CA PRO C 77 3.00 20.87 6.13
C PRO C 77 4.15 21.87 6.25
N ASN C 78 3.93 23.06 6.83
CA ASN C 78 4.98 24.10 6.92
C ASN C 78 6.14 23.64 7.83
N ALA C 79 5.85 23.01 8.98
CA ALA C 79 6.89 22.62 9.97
C ALA C 79 7.81 21.53 9.41
N LEU C 80 7.38 20.76 8.41
CA LEU C 80 8.20 19.68 7.76
C LEU C 80 8.46 19.98 6.27
N SER C 81 8.29 21.22 5.82
CA SER C 81 8.20 21.48 4.36
C SER C 81 9.52 21.13 3.64
N ALA C 82 10.68 21.53 4.20
CA ALA C 82 12.03 21.29 3.61
C ALA C 82 12.34 19.80 3.54
N LEU C 83 11.84 19.07 4.53
CA LEU C 83 12.06 17.61 4.65
C LEU C 83 11.39 16.88 3.50
N SER C 84 10.22 17.32 3.03
CA SER C 84 9.53 16.70 1.88
CA SER C 84 9.55 16.67 1.88
C SER C 84 10.43 16.82 0.65
N ASP C 85 10.96 18.02 0.40
CA ASP C 85 11.87 18.25 -0.73
C ASP C 85 13.08 17.30 -0.61
N LEU C 86 13.65 17.17 0.57
CA LEU C 86 14.86 16.32 0.76
C LEU C 86 14.50 14.88 0.46
N HIS C 87 13.44 14.40 1.09
CA HIS C 87 13.08 12.96 0.99
C HIS C 87 12.60 12.60 -0.41
N ALA C 88 11.75 13.41 -1.04
CA ALA C 88 11.18 13.11 -2.37
C ALA C 88 12.18 13.41 -3.46
N HIS C 89 12.76 14.60 -3.50
CA HIS C 89 13.50 15.08 -4.69
CA HIS C 89 13.49 15.05 -4.71
C HIS C 89 14.93 14.53 -4.69
N LYS C 90 15.62 14.67 -3.56
CA LYS C 90 17.09 14.39 -3.49
CA LYS C 90 17.09 14.39 -3.49
C LYS C 90 17.27 12.89 -3.23
N LEU C 91 16.64 12.40 -2.17
CA LEU C 91 16.87 11.03 -1.64
C LEU C 91 15.97 10.03 -2.40
N ARG C 92 14.84 10.47 -2.98
CA ARG C 92 13.95 9.56 -3.74
CA ARG C 92 13.93 9.57 -3.74
C ARG C 92 13.55 8.38 -2.86
N VAL C 93 13.15 8.65 -1.62
CA VAL C 93 12.69 7.58 -0.68
C VAL C 93 11.36 7.01 -1.17
N ASP C 94 11.32 5.71 -1.34
CA ASP C 94 10.07 5.00 -1.69
C ASP C 94 9.03 5.24 -0.60
N PRO C 95 7.82 5.68 -0.98
CA PRO C 95 6.72 5.90 -0.02
C PRO C 95 6.44 4.75 0.94
N VAL C 96 6.66 3.51 0.49
CA VAL C 96 6.41 2.33 1.36
C VAL C 96 7.28 2.48 2.60
N ASN C 97 8.48 3.03 2.46
CA ASN C 97 9.45 3.01 3.58
C ASN C 97 8.95 3.87 4.73
N PHE C 98 8.13 4.89 4.45
CA PHE C 98 7.55 5.68 5.56
C PHE C 98 6.60 4.83 6.39
N LYS C 99 5.85 3.96 5.74
CA LYS C 99 4.94 3.02 6.47
CA LYS C 99 4.94 3.03 6.48
C LYS C 99 5.81 2.10 7.34
N LEU C 100 6.93 1.62 6.80
CA LEU C 100 7.83 0.73 7.58
C LEU C 100 8.37 1.44 8.81
N LEU C 101 8.93 2.64 8.67
CA LEU C 101 9.52 3.33 9.82
C LEU C 101 8.43 3.69 10.83
N SER C 102 7.28 4.11 10.36
CA SER C 102 6.14 4.45 11.24
C SER C 102 5.79 3.22 12.10
N HIS C 103 5.69 2.07 11.47
CA HIS C 103 5.37 0.81 12.20
C HIS C 103 6.48 0.55 13.26
N CYS C 104 7.74 0.75 12.87
CA CYS C 104 8.86 0.47 13.79
C CYS C 104 8.89 1.47 14.94
N LEU C 105 8.42 2.71 14.70
CA LEU C 105 8.26 3.70 15.77
C LEU C 105 7.15 3.26 16.75
N LEU C 106 6.04 2.74 16.23
CA LEU C 106 4.95 2.26 17.11
C LEU C 106 5.46 1.08 17.94
N VAL C 107 6.19 0.16 17.33
CA VAL C 107 6.74 -1.01 18.08
C VAL C 107 7.66 -0.54 19.19
N THR C 108 8.53 0.44 18.89
CA THR C 108 9.48 0.98 19.89
C THR C 108 8.71 1.61 21.04
N LEU C 109 7.70 2.43 20.74
CA LEU C 109 6.88 3.05 21.81
C LEU C 109 6.14 1.98 22.63
N ALA C 110 5.62 0.93 21.99
CA ALA C 110 4.92 -0.15 22.74
C ALA C 110 5.91 -0.90 23.67
N ALA C 111 7.16 -1.09 23.24
CA ALA C 111 8.20 -1.82 23.99
C ALA C 111 8.65 -1.01 25.22
N HIS C 112 8.59 0.34 25.17
CA HIS C 112 9.16 1.21 26.24
C HIS C 112 8.09 1.85 27.12
N LEU C 113 6.88 2.04 26.62
CA LEU C 113 5.81 2.82 27.30
C LEU C 113 4.56 1.99 27.41
N PRO C 114 4.59 0.85 28.14
CA PRO C 114 3.46 -0.07 28.20
C PRO C 114 2.21 0.66 28.72
N ALA C 115 2.38 1.51 29.73
CA ALA C 115 1.22 2.18 30.34
C ALA C 115 0.57 3.18 29.35
N GLU C 116 1.40 3.86 28.58
CA GLU C 116 0.95 4.97 27.70
CA GLU C 116 1.00 4.98 27.67
C GLU C 116 0.36 4.40 26.40
N PHE C 117 0.83 3.23 25.96
CA PHE C 117 0.47 2.65 24.64
C PHE C 117 -0.88 1.91 24.70
N THR C 118 -1.95 2.63 25.03
CA THR C 118 -3.34 2.10 25.05
C THR C 118 -3.83 1.99 23.61
N PRO C 119 -4.94 1.26 23.33
CA PRO C 119 -5.48 1.21 21.98
C PRO C 119 -5.79 2.62 21.40
N ALA C 120 -6.39 3.51 22.19
CA ALA C 120 -6.74 4.88 21.76
C ALA C 120 -5.47 5.63 21.33
N VAL C 121 -4.44 5.57 22.16
CA VAL C 121 -3.14 6.28 21.93
C VAL C 121 -2.45 5.68 20.70
N HIS C 122 -2.44 4.35 20.58
CA HIS C 122 -1.93 3.66 19.39
C HIS C 122 -2.60 4.22 18.12
N ALA C 123 -3.94 4.33 18.09
CA ALA C 123 -4.69 4.79 16.89
C ALA C 123 -4.25 6.23 16.60
N SER C 124 -4.16 7.04 17.64
CA SER C 124 -3.74 8.45 17.49
C SER C 124 -2.30 8.59 16.99
N LEU C 125 -1.38 7.78 17.51
CA LEU C 125 0.04 7.79 17.07
C LEU C 125 0.12 7.34 15.60
N ASP C 126 -0.64 6.32 15.21
CA ASP C 126 -0.66 5.85 13.80
C ASP C 126 -1.13 7.00 12.90
N LYS C 127 -2.17 7.69 13.29
CA LYS C 127 -2.71 8.80 12.47
CA LYS C 127 -2.77 8.85 12.55
C LYS C 127 -1.69 9.93 12.41
N PHE C 128 -1.05 10.27 13.52
CA PHE C 128 0.04 11.29 13.59
C PHE C 128 1.16 10.88 12.64
N LEU C 129 1.70 9.64 12.74
CA LEU C 129 2.81 9.24 11.85
C LEU C 129 2.36 9.15 10.37
N ALA C 130 1.13 8.74 10.04
CA ALA C 130 0.68 8.69 8.61
C ALA C 130 0.65 10.13 8.06
N SER C 131 0.22 11.06 8.89
CA SER C 131 0.12 12.50 8.53
C SER C 131 1.53 13.02 8.29
N VAL C 132 2.47 12.73 9.19
CA VAL C 132 3.89 13.09 9.02
C VAL C 132 4.34 12.49 7.67
N SER C 133 4.02 11.22 7.39
CA SER C 133 4.45 10.54 6.15
C SER C 133 3.82 11.19 4.91
N THR C 134 2.54 11.53 4.97
CA THR C 134 1.83 12.23 3.87
C THR C 134 2.58 13.53 3.55
N VAL C 135 3.01 14.32 4.56
CA VAL C 135 3.81 15.57 4.30
C VAL C 135 5.15 15.19 3.63
N LEU C 136 5.86 14.18 4.13
CA LEU C 136 7.21 13.86 3.64
C LEU C 136 7.16 13.28 2.21
N THR C 137 6.00 12.74 1.80
CA THR C 137 5.77 12.19 0.45
C THR C 137 5.05 13.21 -0.46
N SER C 138 4.89 14.46 -0.05
CA SER C 138 3.89 15.38 -0.69
C SER C 138 4.43 15.90 -2.04
N LYS C 139 5.74 15.85 -2.27
CA LYS C 139 6.32 16.07 -3.62
C LYS C 139 6.19 14.77 -4.44
N TYR C 140 5.39 13.81 -3.97
CA TYR C 140 4.75 12.73 -4.77
C TYR C 140 3.22 12.84 -4.78
N ARG C 141 2.65 13.88 -4.13
CA ARG C 141 1.23 14.33 -4.10
C ARG C 141 0.21 13.20 -3.82
N VAL D 1 8.06 -18.54 3.22
CA VAL D 1 8.69 -17.89 4.40
C VAL D 1 10.09 -18.50 4.58
N HIS D 2 11.11 -17.72 4.94
CA HIS D 2 12.45 -18.28 5.27
C HIS D 2 12.99 -17.68 6.57
N LEU D 3 12.58 -18.22 7.69
CA LEU D 3 13.24 -17.90 8.96
C LEU D 3 14.53 -18.71 8.95
N THR D 4 15.58 -18.14 9.50
CA THR D 4 16.77 -18.97 9.82
C THR D 4 16.36 -19.86 10.99
N PRO D 5 17.05 -20.98 11.25
CA PRO D 5 16.79 -21.77 12.46
C PRO D 5 16.84 -20.93 13.75
N GLU D 6 17.80 -19.99 13.87
CA GLU D 6 17.89 -19.11 15.07
C GLU D 6 16.62 -18.24 15.22
N GLU D 7 16.12 -17.72 14.12
CA GLU D 7 14.85 -16.94 14.09
C GLU D 7 13.65 -17.81 14.45
N LYS D 8 13.57 -19.04 13.94
CA LYS D 8 12.49 -19.93 14.37
C LYS D 8 12.56 -20.17 15.88
N SER D 9 13.75 -20.40 16.41
CA SER D 9 13.99 -20.63 17.86
C SER D 9 13.51 -19.41 18.65
N ALA D 10 13.90 -18.22 18.21
CA ALA D 10 13.56 -16.97 18.92
C ALA D 10 12.05 -16.80 18.93
N VAL D 11 11.41 -17.00 17.80
CA VAL D 11 9.93 -16.91 17.64
C VAL D 11 9.24 -17.92 18.57
N THR D 12 9.65 -19.19 18.54
CA THR D 12 9.01 -20.28 19.31
C THR D 12 9.12 -19.98 20.82
N ALA D 13 10.29 -19.55 21.27
CA ALA D 13 10.55 -19.31 22.70
C ALA D 13 9.59 -18.22 23.19
N LEU D 14 9.45 -17.13 22.43
CA LEU D 14 8.58 -16.01 22.88
C LEU D 14 7.13 -16.49 22.86
N TRP D 15 6.75 -17.21 21.80
CA TRP D 15 5.34 -17.67 21.64
C TRP D 15 4.88 -18.54 22.82
N GLY D 16 5.78 -19.36 23.36
CA GLY D 16 5.50 -20.13 24.57
C GLY D 16 5.02 -19.29 25.73
N LYS D 17 5.40 -18.03 25.79
CA LYS D 17 5.09 -17.10 26.93
C LYS D 17 3.81 -16.31 26.65
N VAL D 18 3.19 -16.50 25.47
CA VAL D 18 2.00 -15.75 25.02
C VAL D 18 0.76 -16.30 25.68
N ASN D 19 -0.04 -15.41 26.24
CA ASN D 19 -1.32 -15.76 26.88
C ASN D 19 -2.33 -15.94 25.77
N VAL D 20 -2.73 -17.19 25.55
CA VAL D 20 -3.59 -17.65 24.42
C VAL D 20 -5.01 -17.09 24.57
N ASP D 21 -5.40 -16.71 25.79
CA ASP D 21 -6.79 -16.26 26.09
C ASP D 21 -6.92 -14.76 25.81
N GLU D 22 -5.80 -14.04 25.68
CA GLU D 22 -5.83 -12.55 25.70
CA GLU D 22 -5.69 -12.55 25.78
C GLU D 22 -5.18 -11.95 24.45
N VAL D 23 -4.06 -12.47 23.95
CA VAL D 23 -3.28 -11.71 22.92
C VAL D 23 -4.07 -11.62 21.61
N GLY D 24 -4.83 -12.65 21.23
CA GLY D 24 -5.58 -12.56 19.96
C GLY D 24 -6.68 -11.49 20.05
N GLY D 25 -7.34 -11.43 21.20
CA GLY D 25 -8.34 -10.42 21.57
C GLY D 25 -7.74 -9.04 21.51
N GLU D 26 -6.55 -8.84 22.10
CA GLU D 26 -5.85 -7.53 22.10
CA GLU D 26 -5.91 -7.51 22.09
C GLU D 26 -5.58 -7.15 20.64
N ALA D 27 -5.04 -8.09 19.85
CA ALA D 27 -4.63 -7.77 18.47
C ALA D 27 -5.85 -7.47 17.61
N LEU D 28 -6.91 -8.24 17.72
CA LEU D 28 -8.15 -7.98 16.95
C LEU D 28 -8.76 -6.66 17.38
N GLY D 29 -8.86 -6.41 18.68
CA GLY D 29 -9.46 -5.15 19.15
C GLY D 29 -8.64 -3.97 18.69
N ARG D 30 -7.32 -4.04 18.75
CA ARG D 30 -6.52 -2.89 18.24
C ARG D 30 -6.70 -2.74 16.72
N LEU D 31 -6.84 -3.82 15.93
CA LEU D 31 -7.09 -3.71 14.48
C LEU D 31 -8.38 -2.88 14.27
N LEU D 32 -9.42 -3.25 15.00
CA LEU D 32 -10.74 -2.61 14.85
C LEU D 32 -10.67 -1.15 15.26
N VAL D 33 -9.89 -0.79 16.28
CA VAL D 33 -9.75 0.61 16.78
C VAL D 33 -8.86 1.43 15.83
N VAL D 34 -7.71 0.89 15.46
CA VAL D 34 -6.69 1.65 14.67
C VAL D 34 -7.09 1.75 13.18
N TYR D 35 -7.76 0.75 12.62
CA TYR D 35 -8.12 0.66 11.19
C TYR D 35 -9.63 0.43 11.13
N PRO D 36 -10.42 1.48 11.40
CA PRO D 36 -11.85 1.28 11.64
C PRO D 36 -12.68 0.73 10.47
N TRP D 37 -12.19 0.80 9.22
CA TRP D 37 -12.87 0.16 8.07
C TRP D 37 -13.02 -1.35 8.34
N THR D 38 -12.14 -1.90 9.17
CA THR D 38 -12.15 -3.35 9.43
C THR D 38 -13.42 -3.73 10.23
N GLN D 39 -14.07 -2.76 10.90
CA GLN D 39 -15.33 -3.00 11.68
C GLN D 39 -16.46 -3.47 10.74
N ARG D 40 -16.34 -3.17 9.45
CA ARG D 40 -17.33 -3.55 8.41
CA ARG D 40 -17.32 -3.55 8.39
C ARG D 40 -17.55 -5.06 8.40
N PHE D 41 -16.51 -5.82 8.74
CA PHE D 41 -16.52 -7.30 8.69
C PHE D 41 -17.07 -7.86 10.00
N PHE D 42 -17.27 -7.05 11.04
CA PHE D 42 -17.65 -7.53 12.40
C PHE D 42 -18.88 -6.78 12.91
N GLU D 43 -19.77 -6.44 11.99
CA GLU D 43 -20.94 -5.55 12.24
C GLU D 43 -21.94 -6.25 13.15
N SER D 44 -21.82 -7.57 13.37
CA SER D 44 -22.72 -8.34 14.26
C SER D 44 -22.07 -8.55 15.63
N PHE D 45 -20.87 -8.03 15.87
CA PHE D 45 -20.13 -8.28 17.13
C PHE D 45 -20.63 -7.34 18.23
N GLY D 46 -21.44 -6.35 17.88
CA GLY D 46 -22.04 -5.44 18.87
C GLY D 46 -21.33 -4.12 18.80
N ASP D 47 -21.25 -3.44 19.95
CA ASP D 47 -20.77 -2.03 20.08
C ASP D 47 -19.27 -2.01 19.85
N LEU D 48 -18.84 -1.34 18.79
CA LEU D 48 -17.40 -1.10 18.53
C LEU D 48 -17.14 0.42 18.46
N SER D 49 -17.89 1.23 19.21
CA SER D 49 -17.98 2.70 18.98
C SER D 49 -16.91 3.46 19.76
N THR D 50 -16.26 2.81 20.73
CA THR D 50 -15.14 3.39 21.50
C THR D 50 -14.11 2.30 21.65
N PRO D 51 -12.84 2.69 21.88
CA PRO D 51 -11.79 1.73 22.22
C PRO D 51 -12.21 0.82 23.38
N ASP D 52 -12.68 1.40 24.47
CA ASP D 52 -13.04 0.65 25.70
C ASP D 52 -14.12 -0.39 25.35
N ALA D 53 -15.10 -0.01 24.52
CA ALA D 53 -16.20 -0.87 24.03
C ALA D 53 -15.62 -2.06 23.26
N VAL D 54 -14.70 -1.79 22.34
CA VAL D 54 -14.06 -2.85 21.51
C VAL D 54 -13.27 -3.79 22.44
N MET D 55 -12.44 -3.23 23.33
CA MET D 55 -11.44 -4.06 24.05
C MET D 55 -12.15 -4.91 25.11
N GLY D 56 -13.36 -4.53 25.50
CA GLY D 56 -14.18 -5.26 26.49
C GLY D 56 -15.27 -6.09 25.83
N ASN D 57 -15.35 -6.09 24.50
CA ASN D 57 -16.39 -6.81 23.72
C ASN D 57 -16.11 -8.30 23.76
N PRO D 58 -17.04 -9.13 24.30
CA PRO D 58 -16.82 -10.57 24.41
C PRO D 58 -16.67 -11.33 23.09
N LYS D 59 -17.38 -10.91 22.05
CA LYS D 59 -17.26 -11.55 20.71
C LYS D 59 -15.91 -11.20 20.11
N VAL D 60 -15.42 -9.98 20.30
CA VAL D 60 -14.03 -9.66 19.87
C VAL D 60 -13.05 -10.60 20.60
N LYS D 61 -13.18 -10.65 21.91
CA LYS D 61 -12.21 -11.58 22.69
CA LYS D 61 -12.32 -11.59 22.68
C LYS D 61 -12.26 -13.10 22.24
N ALA D 62 -13.51 -13.57 22.07
CA ALA D 62 -13.76 -14.96 21.63
C ALA D 62 -13.15 -15.17 20.24
N HIS D 63 -13.43 -14.27 19.30
CA HIS D 63 -12.94 -14.41 17.91
C HIS D 63 -11.40 -14.30 17.92
N GLY D 64 -10.87 -13.35 18.69
CA GLY D 64 -9.41 -13.17 18.79
C GLY D 64 -8.73 -14.46 19.21
N LYS D 65 -9.40 -15.21 20.09
CA LYS D 65 -8.72 -16.54 20.51
CA LYS D 65 -8.80 -16.53 20.46
C LYS D 65 -8.53 -17.55 19.30
N LYS D 66 -9.56 -17.55 18.44
CA LYS D 66 -9.54 -18.38 17.21
C LYS D 66 -8.47 -17.87 16.26
N VAL D 67 -8.37 -16.56 16.09
CA VAL D 67 -7.29 -15.95 15.24
C VAL D 67 -5.92 -16.35 15.81
N LEU D 68 -5.72 -16.22 17.12
CA LEU D 68 -4.40 -16.54 17.72
C LEU D 68 -4.12 -18.04 17.55
N GLY D 69 -5.14 -18.88 17.71
CA GLY D 69 -5.02 -20.33 17.47
C GLY D 69 -4.49 -20.62 16.07
N ALA D 70 -4.99 -19.92 15.05
CA ALA D 70 -4.53 -20.04 13.65
C ALA D 70 -3.07 -19.57 13.50
N PHE D 71 -2.65 -18.47 14.13
CA PHE D 71 -1.22 -18.10 14.17
C PHE D 71 -0.41 -19.24 14.81
N SER D 72 -0.92 -19.85 15.88
CA SER D 72 -0.21 -20.96 16.58
C SER D 72 0.00 -22.12 15.61
N ASP D 73 -1.01 -22.39 14.76
CA ASP D 73 -0.95 -23.45 13.72
CA ASP D 73 -0.92 -23.45 13.74
C ASP D 73 0.14 -23.06 12.71
N GLY D 74 0.22 -21.79 12.33
CA GLY D 74 1.21 -21.32 11.36
C GLY D 74 2.63 -21.52 11.91
N LEU D 75 2.85 -21.16 13.18
CA LEU D 75 4.16 -21.30 13.88
C LEU D 75 4.54 -22.78 14.01
N ALA D 76 3.57 -23.70 14.08
CA ALA D 76 3.91 -25.14 14.18
C ALA D 76 4.12 -25.75 12.79
N HIS D 77 3.94 -24.97 11.72
CA HIS D 77 3.99 -25.47 10.31
C HIS D 77 4.64 -24.44 9.39
N LEU D 78 5.77 -23.90 9.80
CA LEU D 78 6.39 -22.76 9.08
C LEU D 78 6.90 -23.15 7.71
N ASP D 79 7.09 -24.43 7.39
CA ASP D 79 7.57 -24.83 6.05
C ASP D 79 6.37 -25.15 5.15
N ASN D 80 5.12 -25.04 5.65
CA ASN D 80 3.93 -25.31 4.81
C ASN D 80 2.76 -24.41 5.24
N LEU D 81 2.99 -23.10 5.21
CA LEU D 81 1.91 -22.13 5.51
C LEU D 81 0.83 -22.18 4.44
N LYS D 82 1.18 -22.37 3.17
CA LYS D 82 0.15 -22.40 2.09
CA LYS D 82 0.18 -22.43 2.07
C LYS D 82 -0.89 -23.47 2.42
N GLY D 83 -0.44 -24.68 2.80
CA GLY D 83 -1.35 -25.80 3.08
C GLY D 83 -2.10 -25.59 4.38
N THR D 84 -1.39 -25.12 5.40
CA THR D 84 -1.95 -24.86 6.76
C THR D 84 -3.13 -23.89 6.62
N PHE D 85 -2.97 -22.84 5.83
CA PHE D 85 -3.98 -21.75 5.72
C PHE D 85 -4.88 -21.88 4.48
N ALA D 86 -4.83 -22.97 3.72
CA ALA D 86 -5.63 -23.16 2.48
C ALA D 86 -7.13 -22.96 2.74
N THR D 87 -7.70 -23.65 3.73
CA THR D 87 -9.14 -23.55 4.10
C THR D 87 -9.49 -22.11 4.50
N LEU D 88 -8.72 -21.51 5.41
CA LEU D 88 -8.98 -20.13 5.89
C LEU D 88 -8.82 -19.14 4.75
N SER D 89 -7.92 -19.40 3.80
CA SER D 89 -7.71 -18.54 2.62
C SER D 89 -9.00 -18.52 1.80
N GLU D 90 -9.57 -19.69 1.54
CA GLU D 90 -10.85 -19.81 0.78
CA GLU D 90 -10.83 -19.80 0.78
C GLU D 90 -11.95 -19.09 1.55
N LEU D 91 -12.01 -19.25 2.88
CA LEU D 91 -13.08 -18.64 3.71
C LEU D 91 -13.02 -17.11 3.59
N HIS D 92 -11.84 -16.54 3.78
CA HIS D 92 -11.67 -15.06 3.78
C HIS D 92 -11.99 -14.54 2.38
N CYS D 93 -11.60 -15.27 1.35
CA CYS D 93 -11.72 -14.82 -0.05
C CYS D 93 -13.17 -14.99 -0.54
N ASP D 94 -13.76 -16.17 -0.37
CA ASP D 94 -15.07 -16.47 -1.00
C ASP D 94 -16.22 -15.91 -0.20
N LYS D 95 -16.19 -16.10 1.11
CA LYS D 95 -17.37 -15.79 1.94
CA LYS D 95 -17.30 -15.83 2.05
C LYS D 95 -17.18 -14.39 2.57
N LEU D 96 -15.97 -13.96 2.94
CA LEU D 96 -15.84 -12.69 3.69
C LEU D 96 -15.44 -11.52 2.77
N HIS D 97 -14.82 -11.78 1.62
CA HIS D 97 -14.26 -10.79 0.65
C HIS D 97 -13.41 -9.72 1.37
N VAL D 98 -12.50 -10.13 2.25
CA VAL D 98 -11.57 -9.27 3.00
C VAL D 98 -10.39 -8.95 2.09
N ASP D 99 -10.02 -7.69 1.89
CA ASP D 99 -8.83 -7.40 1.05
C ASP D 99 -7.60 -7.93 1.76
N PRO D 100 -6.70 -8.69 1.08
CA PRO D 100 -5.54 -9.24 1.77
C PRO D 100 -4.58 -8.22 2.37
N GLU D 101 -4.66 -6.94 1.96
CA GLU D 101 -3.84 -5.91 2.62
C GLU D 101 -4.13 -5.92 4.13
N ASN D 102 -5.36 -6.24 4.55
CA ASN D 102 -5.73 -6.24 5.98
C ASN D 102 -5.02 -7.40 6.73
N PHE D 103 -4.69 -8.50 6.06
CA PHE D 103 -3.88 -9.57 6.69
C PHE D 103 -2.52 -8.99 7.15
N ARG D 104 -1.93 -8.12 6.33
CA ARG D 104 -0.62 -7.47 6.66
CA ARG D 104 -0.65 -7.45 6.66
C ARG D 104 -0.84 -6.55 7.88
N LEU D 105 -1.92 -5.79 7.88
CA LEU D 105 -2.22 -4.86 8.97
C LEU D 105 -2.41 -5.65 10.27
N LEU D 106 -3.19 -6.75 10.25
CA LEU D 106 -3.41 -7.50 11.49
C LEU D 106 -2.05 -8.08 11.97
N GLY D 107 -1.21 -8.54 11.08
CA GLY D 107 0.10 -9.06 11.49
C GLY D 107 0.95 -7.99 12.15
N ASN D 108 0.94 -6.79 11.61
CA ASN D 108 1.66 -5.63 12.20
C ASN D 108 1.05 -5.24 13.56
N VAL D 109 -0.27 -5.28 13.70
CA VAL D 109 -0.91 -5.00 15.00
C VAL D 109 -0.43 -6.07 15.99
N LEU D 110 -0.43 -7.34 15.59
CA LEU D 110 0.02 -8.43 16.50
C LEU D 110 1.46 -8.17 16.95
N VAL D 111 2.30 -7.73 16.03
CA VAL D 111 3.70 -7.36 16.38
C VAL D 111 3.69 -6.23 17.42
N CYS D 112 2.83 -5.22 17.27
CA CYS D 112 2.75 -4.14 18.27
C CYS D 112 2.30 -4.71 19.60
N VAL D 113 1.37 -5.68 19.59
CA VAL D 113 0.86 -6.28 20.86
C VAL D 113 1.98 -7.10 21.52
N LEU D 114 2.75 -7.86 20.75
CA LEU D 114 3.87 -8.60 21.35
C LEU D 114 4.88 -7.63 21.97
N ALA D 115 5.22 -6.54 21.29
CA ALA D 115 6.09 -5.48 21.85
C ALA D 115 5.52 -4.94 23.16
N HIS D 116 4.22 -4.66 23.18
CA HIS D 116 3.54 -4.13 24.39
C HIS D 116 3.65 -5.14 25.54
N HIS D 117 3.48 -6.42 25.24
CA HIS D 117 3.49 -7.50 26.25
C HIS D 117 4.88 -7.87 26.77
N PHE D 118 5.92 -7.77 25.97
CA PHE D 118 7.23 -8.33 26.31
C PHE D 118 8.24 -7.21 26.54
N GLY D 119 7.94 -5.96 26.18
CA GLY D 119 8.88 -4.87 26.48
C GLY D 119 10.22 -5.10 25.83
N LYS D 120 11.32 -4.82 26.53
CA LYS D 120 12.70 -4.88 25.98
C LYS D 120 12.96 -6.30 25.45
N GLU D 121 12.29 -7.31 25.98
CA GLU D 121 12.43 -8.71 25.52
CA GLU D 121 12.55 -8.69 25.50
C GLU D 121 12.07 -8.82 24.03
N PHE D 122 11.22 -7.93 23.53
CA PHE D 122 10.84 -7.95 22.08
C PHE D 122 11.88 -7.16 21.28
N THR D 123 13.10 -7.68 21.22
CA THR D 123 14.28 -6.98 20.69
C THR D 123 14.15 -6.78 19.20
N PRO D 124 14.96 -5.92 18.59
CA PRO D 124 14.93 -5.79 17.13
C PRO D 124 15.10 -7.10 16.39
N PRO D 125 16.02 -8.02 16.76
CA PRO D 125 16.07 -9.30 16.10
C PRO D 125 14.81 -10.15 16.23
N VAL D 126 14.23 -10.18 17.42
CA VAL D 126 12.99 -10.95 17.64
C VAL D 126 11.88 -10.37 16.75
N GLN D 127 11.77 -9.04 16.70
CA GLN D 127 10.76 -8.40 15.86
C GLN D 127 11.01 -8.81 14.40
N ALA D 128 12.26 -8.82 13.95
CA ALA D 128 12.57 -9.11 12.52
C ALA D 128 12.10 -10.53 12.19
N ALA D 129 12.29 -11.47 13.10
CA ALA D 129 11.82 -12.85 12.98
C ALA D 129 10.28 -12.85 12.89
N TYR D 130 9.63 -12.16 13.81
CA TYR D 130 8.14 -12.09 13.78
C TYR D 130 7.64 -11.39 12.52
N GLN D 131 8.36 -10.42 11.95
CA GLN D 131 7.87 -9.83 10.69
C GLN D 131 7.86 -10.89 9.59
N LYS D 132 8.84 -11.79 9.56
CA LYS D 132 8.88 -12.84 8.52
C LYS D 132 7.64 -13.74 8.74
N VAL D 133 7.31 -14.04 9.97
CA VAL D 133 6.17 -14.96 10.30
C VAL D 133 4.86 -14.33 9.86
N VAL D 134 4.62 -13.09 10.26
CA VAL D 134 3.29 -12.47 9.97
C VAL D 134 3.18 -12.19 8.47
N ALA D 135 4.27 -11.89 7.76
CA ALA D 135 4.30 -11.74 6.29
C ALA D 135 3.97 -13.09 5.65
N GLY D 136 4.53 -14.15 6.18
CA GLY D 136 4.23 -15.49 5.61
C GLY D 136 2.79 -15.90 5.90
N VAL D 137 2.26 -15.63 7.08
CA VAL D 137 0.82 -15.93 7.35
C VAL D 137 -0.07 -15.13 6.40
N ALA D 138 0.21 -13.84 6.24
CA ALA D 138 -0.59 -13.01 5.31
C ALA D 138 -0.51 -13.54 3.88
N ASN D 139 0.70 -13.87 3.41
N ASN D 139 0.68 -13.88 3.36
CA ASN D 139 0.96 -14.40 2.05
CA ASN D 139 0.76 -14.31 1.95
C ASN D 139 0.12 -15.65 1.86
C ASN D 139 0.11 -15.70 1.81
N ALA D 140 0.15 -16.53 2.85
CA ALA D 140 -0.55 -17.85 2.79
C ALA D 140 -2.07 -17.60 2.76
N LEU D 141 -2.57 -16.66 3.56
CA LEU D 141 -4.02 -16.38 3.56
C LEU D 141 -4.44 -15.73 2.26
N ALA D 142 -3.50 -15.09 1.55
CA ALA D 142 -3.77 -14.39 0.27
C ALA D 142 -3.78 -15.36 -0.91
N HIS D 143 -3.23 -16.57 -0.73
CA HIS D 143 -2.97 -17.50 -1.84
C HIS D 143 -4.21 -17.70 -2.75
N LYS D 144 -5.39 -17.93 -2.17
CA LYS D 144 -6.61 -18.31 -2.95
C LYS D 144 -7.23 -17.11 -3.66
N TYR D 145 -6.79 -15.89 -3.34
CA TYR D 145 -7.19 -14.62 -4.00
C TYR D 145 -6.54 -14.51 -5.38
N HIS D 146 -5.36 -15.12 -5.50
CA HIS D 146 -4.54 -15.24 -6.75
C HIS D 146 -5.09 -16.39 -7.60
CHA HEM E . -21.17 6.88 -2.89
CHA HEM E . -21.14 7.00 -2.58
CHB HEM E . -17.71 9.52 -5.10
CHB HEM E . -17.69 9.65 -4.72
CHC HEM E . -14.56 5.91 -4.34
CHC HEM E . -14.47 6.06 -3.99
CHD HEM E . -18.15 3.12 -2.61
CHD HEM E . -18.04 3.31 -2.17
C1A HEM E . -20.48 7.89 -3.53
C1A HEM E . -20.46 8.02 -3.20
C2A HEM E . -21.08 9.07 -3.99
C2A HEM E . -21.06 9.25 -3.57
C3A HEM E . -20.12 9.79 -4.60
C3A HEM E . -20.10 9.98 -4.16
C4A HEM E . -18.89 9.09 -4.55
C4A HEM E . -18.88 9.24 -4.18
CMA HEM E . -20.23 11.14 -5.25
CMA HEM E . -20.29 11.37 -4.72
CAA HEM E . -22.54 9.45 -3.81
CAA HEM E . -22.51 9.69 -3.30
CBA HEM E . -22.79 10.40 -2.64
CBA HEM E . -22.63 9.98 -1.79
CGA HEM E . -24.31 10.50 -2.47
CGA HEM E . -23.80 10.83 -1.30
O1A HEM E . -24.92 11.56 -2.11
O1A HEM E . -23.70 12.08 -1.08
O2A HEM E . -24.99 9.48 -2.69
O2A HEM E . -24.89 10.29 -1.07
C1B HEM E . -16.56 8.74 -5.09
C1B HEM E . -16.52 8.86 -4.69
C2B HEM E . -15.35 9.09 -5.74
C2B HEM E . -15.29 9.27 -5.27
C3B HEM E . -14.46 8.11 -5.49
C3B HEM E . -14.37 8.28 -5.07
C4B HEM E . -15.18 7.09 -4.70
C4B HEM E . -15.09 7.24 -4.34
CMB HEM E . -15.07 10.37 -6.46
CMB HEM E . -15.11 10.61 -5.93
CAB HEM E . -13.08 7.94 -5.96
CAB HEM E . -12.95 8.13 -5.43
CBB HEM E . -12.56 8.62 -6.95
CBB HEM E . -12.26 8.95 -6.22
C1C HEM E . -15.29 4.82 -3.83
C1C HEM E . -15.16 4.97 -3.44
C2C HEM E . -14.80 3.51 -3.69
C2C HEM E . -14.68 3.66 -3.28
C3C HEM E . -15.80 2.72 -3.17
C3C HEM E . -15.69 2.90 -2.75
C4C HEM E . -16.94 3.56 -3.03
C4C HEM E . -16.84 3.75 -2.61
CMC HEM E . -13.36 3.13 -4.01
CMC HEM E . -13.26 3.20 -3.60
CAC HEM E . -15.84 1.24 -2.91
CAC HEM E . -15.75 1.45 -2.46
CBC HEM E . -15.00 0.45 -3.45
CBC HEM E . -14.92 0.65 -3.06
C1D HEM E . -19.25 3.99 -2.59
C1D HEM E . -19.17 4.14 -2.17
C2D HEM E . -20.56 3.43 -2.21
C2D HEM E . -20.47 3.61 -1.72
C3D HEM E . -21.43 4.46 -2.28
C3D HEM E . -21.36 4.63 -1.81
C4D HEM E . -20.61 5.63 -2.70
C4D HEM E . -20.56 5.77 -2.34
CMD HEM E . -20.86 2.00 -1.86
CMD HEM E . -20.77 2.21 -1.23
CAD HEM E . -22.92 4.45 -1.98
CAD HEM E . -22.84 4.56 -1.46
CBD HEM E . -23.74 3.89 -3.12
CBD HEM E . -23.52 3.72 -2.57
CGD HEM E . -25.06 3.46 -2.49
CGD HEM E . -25.02 3.64 -2.45
O1D HEM E . -26.06 4.17 -2.66
O1D HEM E . -25.71 4.37 -3.21
O2D HEM E . -25.19 2.44 -1.76
O2D HEM E . -25.61 2.87 -1.63
NA HEM E . -19.12 7.91 -3.89
NA HEM E . -19.12 8.03 -3.59
NB HEM E . -16.43 7.53 -4.49
NB HEM E . -16.36 7.65 -4.14
NC HEM E . -16.58 4.85 -3.43
NC HEM E . -16.47 4.99 -3.05
ND HEM E . -19.29 5.32 -2.87
ND HEM E . -19.25 5.44 -2.52
FE HEM E . -17.83 6.48 -3.42
FE HEM E . -17.82 6.54 -3.18
O1 OXY F . -18.55 4.70 -5.98
O2 OXY F . -18.26 5.77 -5.00
S SO4 G . -16.13 5.73 13.47
O1 SO4 G . -17.30 4.89 13.63
O2 SO4 G . -14.95 4.94 13.68
O3 SO4 G . -16.12 6.27 12.13
O4 SO4 G . -16.18 6.80 14.41
CHA HEM H . 16.89 -5.68 -13.73
CHB HEM H . 12.60 -7.62 -14.93
CHC HEM H . 10.38 -4.71 -11.81
CHD HEM H . 14.54 -2.44 -11.04
C1A HEM H . 15.91 -6.50 -14.24
C2A HEM H . 16.15 -7.51 -15.22
C3A HEM H . 14.94 -8.01 -15.60
C4A HEM H . 13.95 -7.33 -14.87
CMA HEM H . 14.70 -9.08 -16.59
CAA HEM H . 17.53 -7.95 -15.75
CBA HEM H . 18.08 -7.11 -16.85
CGA HEM H . 19.37 -7.59 -17.42
O1A HEM H . 20.31 -7.92 -16.64
O2A HEM H . 19.44 -7.66 -18.68
C1B HEM H . 11.66 -7.01 -14.12
C2B HEM H . 10.26 -7.36 -14.14
C3B HEM H . 9.61 -6.55 -13.29
C4B HEM H . 10.65 -5.65 -12.72
CMB HEM H . 9.68 -8.42 -15.05
CAB HEM H . 8.13 -6.68 -13.03
CBB HEM H . 7.60 -6.37 -11.95
C1C HEM H . 11.30 -3.80 -11.36
C2C HEM H . 10.99 -2.62 -10.62
C3C HEM H . 12.17 -1.97 -10.36
C4C HEM H . 13.23 -2.75 -11.01
CMC HEM H . 9.62 -2.15 -10.25
CAC HEM H . 12.49 -0.72 -9.70
CBC HEM H . 11.58 0.17 -9.32
C1D HEM H . 15.53 -3.13 -11.75
C2D HEM H . 16.91 -2.68 -11.83
C3D HEM H . 17.58 -3.57 -12.58
C4D HEM H . 16.56 -4.57 -13.00
CMD HEM H . 17.50 -1.40 -11.20
CAD HEM H . 19.03 -3.53 -12.94
CBD HEM H . 19.09 -2.83 -14.31
CGD HEM H . 20.52 -2.48 -14.70
O1D HEM H . 21.06 -3.10 -15.58
O2D HEM H . 21.19 -1.56 -14.13
NA HEM H . 14.53 -6.41 -14.01
NB HEM H . 11.83 -6.01 -13.22
NC HEM H . 12.63 -3.83 -11.62
ND HEM H . 15.36 -4.25 -12.46
FE HEM H . 13.63 -5.16 -12.78
C1 G7Z I . 19.54 -13.92 2.76
C1 G7Z I . 11.47 -14.73 2.75
N1 G7Z I . 18.44 -14.21 1.86
N1 G7Z I . 12.84 -15.01 2.38
C2 G7Z I . 18.61 -14.46 0.57
C2 G7Z I . 13.79 -14.09 2.33
O1 G7Z I . 19.62 -14.12 -0.04
O1 G7Z I . 13.55 -12.91 2.61
C3 G7Z I . 17.55 -15.31 -0.11
C3 G7Z I . 15.19 -14.55 1.99
C4 G7Z I . 16.17 -14.69 -0.32
C4 G7Z I . 15.67 -14.25 0.56
N2 G7Z I . 16.07 -13.25 -0.05
N2 G7Z I . 16.12 -12.87 0.37
C5 G7Z I . 16.42 -12.26 -0.93
C5 G7Z I . 16.20 -12.22 -0.83
O2 G7Z I . 17.06 -12.44 -1.97
O2 G7Z I . 16.35 -12.76 -1.94
C6 G7Z I . 15.83 -10.97 -0.43
C6 G7Z I . 16.09 -10.74 -0.54
C7 G7Z I . 15.46 -11.27 1.01
C7 G7Z I . 16.46 -10.63 0.93
C8 G7Z I . 15.48 -12.77 1.09
C8 G7Z I . 16.51 -12.06 1.41
O3 G7Z I . 15.03 -13.47 1.99
O3 G7Z I . 16.81 -12.47 2.54
S SO4 J . 4.00 -0.45 -33.28
O1 SO4 J . 2.98 -1.46 -33.17
O2 SO4 J . 4.92 -0.85 -34.29
O3 SO4 J . 3.40 0.83 -33.61
O4 SO4 J . 4.67 -0.30 -32.01
S SO4 K . 4.16 -17.52 -3.06
O1 SO4 K . 4.27 -18.90 -3.41
O2 SO4 K . 4.98 -17.24 -1.92
O3 SO4 K . 2.79 -17.20 -2.76
O4 SO4 K . 4.59 -16.71 -4.18
S SO4 L . -13.70 5.02 -28.10
O1 SO4 L . -14.03 4.05 -27.10
O2 SO4 L . -12.49 4.65 -28.76
O3 SO4 L . -14.77 5.11 -29.06
O4 SO4 L . -13.51 6.32 -27.48
S SO4 M . 1.07 4.77 -27.76
O1 SO4 M . -0.07 4.42 -28.57
O2 SO4 M . 1.34 3.71 -26.81
O3 SO4 M . 2.22 4.96 -28.60
O4 SO4 M . 0.79 5.99 -27.07
CHA HEM N . 17.42 12.56 6.57
CHB HEM N . 13.46 13.00 9.23
CHC HEM N . 11.70 8.93 7.17
CHD HEM N . 15.93 8.35 4.83
C1A HEM N . 16.50 13.05 7.47
C2A HEM N . 16.67 14.22 8.27
C3A HEM N . 15.55 14.33 9.03
C4A HEM N . 14.71 13.24 8.71
CMA HEM N . 15.22 15.39 10.05
CAA HEM N . 17.90 15.11 8.28
CBA HEM N . 17.71 16.40 7.48
CGA HEM N . 18.90 17.31 7.68
O1A HEM N . 19.63 17.15 8.71
O2A HEM N . 19.09 18.29 6.94
C1B HEM N . 12.66 11.93 8.86
C2B HEM N . 11.39 11.70 9.44
C3B HEM N . 10.87 10.54 8.87
C4B HEM N . 11.90 10.06 7.94
CMB HEM N . 10.75 12.58 10.47
CAB HEM N . 9.63 9.77 9.10
CBB HEM N . 9.01 9.75 10.27
C1C HEM N . 12.70 8.41 6.37
C2C HEM N . 12.69 7.15 5.73
C3C HEM N . 13.87 6.98 5.03
C4C HEM N . 14.64 8.16 5.31
CMC HEM N . 11.55 6.22 5.76
CAC HEM N . 14.40 5.81 4.27
CBC HEM N . 14.00 4.54 4.48
C1D HEM N . 16.66 9.45 5.15
C2D HEM N . 18.01 9.67 4.59
C3D HEM N . 18.46 10.82 5.12
C4D HEM N . 17.30 11.37 5.88
CMD HEM N . 18.84 8.75 3.74
CAD HEM N . 19.84 11.43 4.81
CBD HEM N . 20.81 10.81 5.83
CGD HEM N . 22.20 11.27 5.65
O1D HEM N . 22.61 12.04 6.55
O2D HEM N . 22.90 10.92 4.65
NA HEM N . 15.30 12.46 7.73
NB HEM N . 12.89 10.97 7.96
NC HEM N . 13.91 9.00 6.12
ND HEM N . 16.28 10.51 5.91
FE HEM N . 14.62 10.77 6.85
S SO4 O . -1.20 5.48 1.17
O1 SO4 O . -1.51 4.07 1.33
O2 SO4 O . -0.16 5.64 0.19
O3 SO4 O . -2.38 6.18 0.74
O4 SO4 O . -0.78 6.01 2.43
S SO4 P . 10.45 14.75 -9.39
O1 SO4 P . 9.80 14.24 -8.22
O2 SO4 P . 11.74 14.13 -9.54
O3 SO4 P . 9.65 14.46 -10.55
O4 SO4 P . 10.62 16.18 -9.26
CHA HEM Q . -12.94 -15.79 10.53
CHB HEM Q . -8.19 -16.28 11.08
CHC HEM Q . -7.47 -11.89 9.18
CHD HEM Q . -12.26 -11.16 9.18
C1A HEM Q . -11.71 -16.26 10.83
C2A HEM Q . -11.49 -17.53 11.44
C3A HEM Q . -10.17 -17.63 11.61
C4A HEM Q . -9.53 -16.46 11.08
CMA HEM Q . -9.39 -18.74 12.25
CAA HEM Q . -12.56 -18.56 11.83
CBA HEM Q . -13.13 -18.32 13.21
CGA HEM Q . -13.99 -19.46 13.72
O1A HEM Q . -15.17 -19.26 14.09
O2A HEM Q . -13.51 -20.63 13.79
C1B HEM Q . -7.55 -15.14 10.57
C2B HEM Q . -6.15 -14.91 10.55
C3B HEM Q . -5.94 -13.70 10.02
C4B HEM Q . -7.27 -13.12 9.72
CMB HEM Q . -5.10 -15.90 11.04
CAB HEM Q . -4.56 -13.23 9.84
CBB HEM Q . -4.11 -12.39 9.03
C1C HEM Q . -8.70 -11.29 9.05
C2C HEM Q . -8.95 -9.95 8.76
C3C HEM Q . -10.31 -9.75 8.73
C4C HEM Q . -10.91 -10.99 9.06
CMC HEM Q . -7.86 -8.93 8.47
CAC HEM Q . -11.11 -8.52 8.53
CBC HEM Q . -10.59 -7.30 8.49
C1D HEM Q . -12.79 -12.41 9.58
C2D HEM Q . -14.21 -12.60 9.66
C3D HEM Q . -14.42 -13.88 10.03
C4D HEM Q . -13.09 -14.46 10.12
CMD HEM Q . -15.32 -11.58 9.44
CAD HEM Q . -15.77 -14.53 10.30
CBD HEM Q . -16.07 -14.20 11.77
CGD HEM Q . -17.46 -14.52 12.27
O1D HEM Q . -18.43 -13.77 11.96
O2D HEM Q . -17.63 -15.50 13.02
NA HEM Q . -10.50 -15.64 10.62
NB HEM Q . -8.17 -14.05 10.10
NC HEM Q . -9.88 -11.89 9.26
ND HEM Q . -12.11 -13.57 9.84
FE HEM Q . -10.20 -13.82 9.89
C1 G7Z R . -8.53 -16.70 -10.95
C1 G7Z R . -15.74 -16.96 -9.29
N1 G7Z R . -8.67 -16.99 -9.54
N1 G7Z R . -14.54 -17.03 -8.47
C2 G7Z R . -9.08 -16.09 -8.64
C2 G7Z R . -13.35 -17.32 -8.98
O1 G7Z R . -9.18 -14.90 -8.92
O1 G7Z R . -13.17 -17.51 -10.18
C3 G7Z R . -9.40 -16.61 -7.26
C3 G7Z R . -12.20 -17.39 -8.00
C4 G7Z R . -10.89 -16.60 -6.96
C4 G7Z R . -12.08 -16.14 -7.11
N2 G7Z R . -11.19 -16.82 -5.55
N2 G7Z R . -11.83 -16.46 -5.72
C5 G7Z R . -11.11 -18.04 -4.93
C5 G7Z R . -10.95 -17.43 -5.28
O2 G7Z R . -11.04 -19.13 -5.50
O2 G7Z R . -10.17 -18.04 -6.03
C6 G7Z R . -11.17 -17.79 -3.45
C6 G7Z R . -11.12 -17.58 -3.81
C7 G7Z R . -11.79 -16.42 -3.34
C7 G7Z R . -11.87 -16.34 -3.40
C8 G7Z R . -11.63 -15.82 -4.70
C8 G7Z R . -12.47 -15.83 -4.68
O3 G7Z R . -11.82 -14.66 -5.05
O3 G7Z R . -13.38 -15.01 -4.81
#